data_9GV9
#
_entry.id   9GV9
#
_cell.length_a   139.59
_cell.length_b   91.563
_cell.length_c   73.443
_cell.angle_alpha   90
_cell.angle_beta   95.593
_cell.angle_gamma   90
#
_symmetry.space_group_name_H-M   'C 1 2 1'
#
loop_
_entity.id
_entity.type
_entity.pdbx_description
1 polymer 'Heparin lyase I'
2 branched '4-deoxy-alpha-L-threo-hex-4-enopyranuronic acid-(1-4)-2-deoxy-3,6-di-O-sulfo-2-(sulfoamino)-alpha-D-glucopyranose'
3 non-polymer 'ACETATE ION'
4 non-polymer 'SULFATE ION'
5 non-polymer 'CALCIUM ION'
6 water water
#
_entity_poly.entity_id   1
_entity_poly.type   'polypeptide(L)'
_entity_poly.pdbx_seq_one_letter_code
;MAQVKNAETLVPLTKRVNVQADTARLDQIIDGCWVAVGTNKKHAIQRDFTRLFAGKPSYRFELRKEDNTLEGYGKGETKG
RAEFSYCYATSADFKGLPADAYRKAQITKTVYHHGKGICPQGVSRDYEFSVYIPSALDSNVSTIFAQWHGMPDRTLVQTP
EGEVKKLTVDEFLELDKTTIFKKNTGHEKVAKLDKQGNPLKDKKGNPVYKAGKKNGWLVEQGGYPPLAFGFSGGWFYIKA
NSDRRWLTDKTDRCNASPEKTPVMKPVTSKYKSSTIAYKMPFADFPKDCWVTFRVHIDWTTYGKEAENIVKPGKLDVQME
YTDKKKTVKEHIVNNEVIQIGRNDDDGYYFKFGIYRVGNSTVPVCYNLAGYKEELEHHHHHH
;
_entity_poly.pdbx_strand_id   B,A
#
loop_
_chem_comp.id
_chem_comp.type
_chem_comp.name
_chem_comp.formula
ACT non-polymer 'ACETATE ION' 'C2 H3 O2 -1'
CA non-polymer 'CALCIUM ION' 'Ca 2'
GCD L-saccharide, alpha linking '4-deoxy-alpha-L-threo-hex-4-enopyranuronic acid' 'C6 H8 O6'
SO4 non-polymer 'SULFATE ION' 'O4 S -2'
SUS D-saccharide, alpha linking 2-deoxy-3,6-di-O-sulfo-2-(sulfoamino)-alpha-D-glucopyranose 'C6 H13 N O14 S3'
#
# COMPACT_ATOMS: atom_id res chain seq x y z
N GLU A 8 16.45 -39.71 21.84
CA GLU A 8 16.17 -39.37 20.42
C GLU A 8 14.97 -38.43 20.36
N THR A 9 15.20 -37.17 20.73
CA THR A 9 14.15 -36.17 20.87
C THR A 9 13.85 -35.52 19.52
N LEU A 10 14.88 -35.38 18.67
CA LEU A 10 14.74 -34.85 17.32
C LEU A 10 15.19 -35.91 16.32
N VAL A 11 14.33 -36.23 15.35
CA VAL A 11 14.60 -37.29 14.39
C VAL A 11 14.69 -36.68 12.99
N PRO A 12 15.91 -36.58 12.41
CA PRO A 12 16.07 -36.07 11.05
C PRO A 12 15.17 -36.79 10.04
N LEU A 13 14.49 -36.01 9.19
CA LEU A 13 13.72 -36.54 8.08
C LEU A 13 14.30 -35.97 6.78
N THR A 14 15.20 -36.74 6.16
CA THR A 14 16.12 -36.22 5.14
C THR A 14 15.70 -36.63 3.72
N LYS A 15 14.70 -37.51 3.58
CA LYS A 15 14.30 -37.98 2.27
C LYS A 15 13.56 -36.87 1.54
N ARG A 16 13.83 -36.74 0.22
CA ARG A 16 13.30 -35.65 -0.57
C ARG A 16 12.69 -36.16 -1.88
N VAL A 17 11.59 -35.52 -2.27
CA VAL A 17 10.88 -35.87 -3.50
C VAL A 17 10.81 -34.64 -4.38
N ASN A 18 11.21 -34.82 -5.65
CA ASN A 18 10.90 -33.86 -6.70
C ASN A 18 9.50 -34.19 -7.20
N VAL A 19 8.50 -33.47 -6.65
CA VAL A 19 7.12 -33.89 -6.77
C VAL A 19 6.63 -33.67 -8.20
N GLN A 20 7.21 -32.71 -8.92
CA GLN A 20 6.78 -32.42 -10.28
C GLN A 20 7.28 -33.50 -11.25
N ALA A 21 8.45 -34.06 -10.98
CA ALA A 21 9.16 -34.88 -11.96
C ALA A 21 9.28 -36.35 -11.52
N ASP A 22 8.87 -36.67 -10.29
CA ASP A 22 9.00 -38.04 -9.78
C ASP A 22 7.82 -38.38 -8.87
N THR A 23 7.45 -39.66 -8.86
CA THR A 23 6.59 -40.22 -7.82
C THR A 23 7.39 -40.29 -6.53
N ALA A 24 6.67 -40.24 -5.40
CA ALA A 24 7.24 -40.54 -4.10
C ALA A 24 7.17 -42.04 -3.87
N ARG A 25 8.29 -42.65 -3.49
CA ARG A 25 8.29 -44.01 -2.98
C ARG A 25 7.62 -44.02 -1.62
N LEU A 26 6.97 -45.14 -1.27
CA LEU A 26 6.24 -45.22 -0.01
C LEU A 26 7.16 -44.85 1.15
N ASP A 27 8.44 -45.26 1.09
CA ASP A 27 9.37 -45.04 2.18
C ASP A 27 9.78 -43.56 2.29
N GLN A 28 9.41 -42.72 1.32
CA GLN A 28 9.70 -41.30 1.36
C GLN A 28 8.52 -40.51 1.96
N ILE A 29 7.35 -41.14 2.09
CA ILE A 29 6.18 -40.49 2.61
C ILE A 29 6.29 -40.37 4.13
N ILE A 30 5.97 -39.18 4.66
CA ILE A 30 6.07 -38.88 6.08
C ILE A 30 4.67 -38.87 6.69
N ASP A 31 4.42 -39.82 7.60
CA ASP A 31 3.20 -39.85 8.39
C ASP A 31 1.99 -40.02 7.48
N GLY A 32 2.19 -40.75 6.38
CA GLY A 32 1.12 -41.13 5.48
C GLY A 32 0.57 -40.00 4.61
N CYS A 33 1.05 -38.76 4.73
CA CYS A 33 0.40 -37.66 4.03
C CYS A 33 1.33 -36.55 3.55
N TRP A 34 2.64 -36.66 3.79
CA TRP A 34 3.60 -35.63 3.41
C TRP A 34 4.76 -36.22 2.62
N VAL A 35 5.34 -35.41 1.72
CA VAL A 35 6.72 -35.59 1.26
C VAL A 35 7.44 -34.27 1.51
N ALA A 36 8.77 -34.35 1.58
CA ALA A 36 9.59 -33.17 1.85
C ALA A 36 10.34 -32.74 0.60
N VAL A 37 10.54 -31.42 0.48
CA VAL A 37 11.24 -30.82 -0.63
C VAL A 37 12.29 -29.85 -0.08
N GLY A 38 13.38 -29.66 -0.83
CA GLY A 38 14.43 -28.73 -0.48
C GLY A 38 15.68 -29.43 0.07
N THR A 39 16.56 -28.65 0.70
CA THR A 39 17.85 -29.13 1.16
C THR A 39 17.65 -30.32 2.11
N ASN A 40 18.54 -31.32 2.02
CA ASN A 40 18.34 -32.58 2.71
C ASN A 40 19.29 -32.72 3.91
N LYS A 41 19.85 -31.61 4.38
CA LYS A 41 20.67 -31.60 5.59
C LYS A 41 19.86 -32.20 6.74
N LYS A 42 20.53 -32.93 7.63
CA LYS A 42 19.87 -33.61 8.74
C LYS A 42 19.03 -32.61 9.53
N HIS A 43 19.58 -31.41 9.76
CA HIS A 43 18.95 -30.43 10.63
C HIS A 43 17.79 -29.70 9.93
N ALA A 44 17.66 -29.85 8.61
CA ALA A 44 16.70 -29.07 7.85
C ALA A 44 15.26 -29.34 8.30
N ILE A 45 14.93 -30.63 8.46
CA ILE A 45 13.59 -31.06 8.88
C ILE A 45 13.74 -32.24 9.84
N GLN A 46 13.10 -32.13 11.02
CA GLN A 46 13.17 -33.18 12.02
C GLN A 46 11.82 -33.31 12.72
N ARG A 47 11.42 -34.57 12.97
CA ARG A 47 10.28 -34.84 13.84
C ARG A 47 10.68 -34.50 15.26
N ASP A 48 9.82 -33.73 15.94
CA ASP A 48 10.17 -33.12 17.22
C ASP A 48 9.26 -33.67 18.32
N PHE A 49 9.83 -34.53 19.16
CA PHE A 49 9.12 -35.10 20.30
C PHE A 49 9.24 -34.18 21.51
N THR A 50 9.96 -33.06 21.40
CA THR A 50 10.15 -32.13 22.51
C THR A 50 9.14 -30.99 22.40
N ARG A 51 8.44 -30.88 21.27
CA ARG A 51 7.48 -29.80 21.06
C ARG A 51 6.19 -30.38 20.49
N LEU A 52 5.41 -31.01 21.37
CA LEU A 52 4.24 -31.77 20.98
C LEU A 52 3.09 -30.81 20.68
N PHE A 53 2.21 -31.21 19.76
CA PHE A 53 0.97 -30.48 19.53
C PHE A 53 -0.17 -31.50 19.38
N ALA A 54 -1.22 -31.29 20.19
CA ALA A 54 -2.36 -32.18 20.26
C ALA A 54 -1.89 -33.61 20.53
N GLY A 55 -0.87 -33.75 21.38
CA GLY A 55 -0.37 -35.04 21.82
C GLY A 55 0.43 -35.77 20.75
N LYS A 56 0.81 -35.07 19.67
CA LYS A 56 1.60 -35.67 18.59
C LYS A 56 2.89 -34.89 18.36
N PRO A 57 3.96 -35.53 17.82
CA PRO A 57 5.18 -34.81 17.45
C PRO A 57 4.88 -33.73 16.43
N SER A 58 5.59 -32.61 16.52
CA SER A 58 5.54 -31.57 15.49
C SER A 58 6.73 -31.75 14.55
N TYR A 59 6.88 -30.83 13.60
CA TYR A 59 8.02 -30.82 12.71
C TYR A 59 8.81 -29.54 12.94
N ARG A 60 10.10 -29.72 13.24
CA ARG A 60 11.02 -28.61 13.40
C ARG A 60 11.73 -28.38 12.08
N PHE A 61 11.66 -27.14 11.60
CA PHE A 61 12.34 -26.73 10.37
C PHE A 61 13.48 -25.79 10.72
N GLU A 62 14.63 -25.97 10.06
CA GLU A 62 15.78 -25.13 10.32
C GLU A 62 16.61 -24.90 9.06
N LEU A 63 16.78 -23.63 8.69
CA LEU A 63 17.76 -23.25 7.68
C LEU A 63 18.79 -22.33 8.31
N ARG A 64 20.04 -22.79 8.33
CA ARG A 64 21.15 -21.99 8.81
C ARG A 64 21.58 -21.01 7.71
N LYS A 65 22.50 -20.12 8.03
CA LYS A 65 22.96 -19.08 7.12
C LYS A 65 23.36 -19.67 5.77
N GLU A 66 24.07 -20.81 5.79
CA GLU A 66 24.67 -21.37 4.58
C GLU A 66 23.70 -22.25 3.80
N ASP A 67 22.41 -22.26 4.15
CA ASP A 67 21.49 -23.29 3.67
C ASP A 67 20.63 -22.83 2.48
N ASN A 68 20.89 -21.66 1.90
CA ASN A 68 20.30 -21.31 0.61
C ASN A 68 20.96 -22.16 -0.48
N THR A 69 20.20 -23.08 -1.08
CA THR A 69 20.74 -23.95 -2.11
C THR A 69 20.10 -23.67 -3.47
N LEU A 70 19.21 -22.67 -3.55
CA LEU A 70 18.45 -22.43 -4.78
C LEU A 70 18.78 -21.04 -5.31
N GLU A 71 18.37 -20.75 -6.55
CA GLU A 71 18.55 -19.43 -7.13
C GLU A 71 17.23 -18.70 -7.17
N GLY A 72 17.26 -17.40 -6.84
CA GLY A 72 16.12 -16.51 -6.98
C GLY A 72 16.02 -15.95 -8.40
N TYR A 73 15.04 -15.05 -8.61
CA TYR A 73 14.73 -14.54 -9.94
C TYR A 73 15.83 -13.62 -10.44
N GLY A 74 16.26 -12.69 -9.60
CA GLY A 74 17.31 -11.74 -9.95
C GLY A 74 18.70 -12.37 -9.99
N LYS A 75 19.63 -11.63 -10.60
CA LYS A 75 20.99 -12.10 -10.79
C LYS A 75 21.72 -12.09 -9.45
N GLY A 76 22.43 -13.19 -9.18
CA GLY A 76 23.22 -13.34 -7.97
C GLY A 76 22.35 -13.64 -6.74
N GLU A 77 21.05 -13.85 -6.94
CA GLU A 77 20.14 -14.02 -5.81
C GLU A 77 20.01 -15.50 -5.45
N THR A 78 19.87 -15.78 -4.16
CA THR A 78 19.67 -17.15 -3.72
C THR A 78 18.46 -17.20 -2.80
N LYS A 79 18.00 -18.44 -2.57
CA LYS A 79 16.89 -18.68 -1.67
C LYS A 79 17.03 -20.09 -1.09
N GLY A 80 16.30 -20.34 -0.01
CA GLY A 80 16.41 -21.59 0.70
C GLY A 80 15.03 -22.24 0.85
N ARG A 81 15.01 -23.57 0.88
CA ARG A 81 13.76 -24.32 0.98
C ARG A 81 13.97 -25.56 1.83
N ALA A 82 13.10 -25.68 2.84
CA ALA A 82 12.86 -26.94 3.50
C ALA A 82 11.38 -26.95 3.90
N GLU A 83 10.59 -27.70 3.12
CA GLU A 83 9.15 -27.66 3.25
C GLU A 83 8.58 -29.07 3.12
N PHE A 84 7.33 -29.19 3.58
CA PHE A 84 6.51 -30.36 3.34
C PHE A 84 5.47 -30.01 2.27
N SER A 85 5.25 -30.94 1.34
CA SER A 85 4.16 -30.81 0.38
C SER A 85 3.07 -31.83 0.67
N TYR A 86 1.82 -31.37 0.66
CA TYR A 86 0.65 -32.22 0.85
C TYR A 86 0.26 -32.88 -0.48
N CYS A 87 0.85 -32.41 -1.60
CA CYS A 87 0.56 -32.92 -2.92
C CYS A 87 1.78 -33.67 -3.50
N TYR A 88 1.54 -34.90 -3.95
CA TYR A 88 2.55 -35.74 -4.57
C TYR A 88 1.87 -36.97 -5.14
N ALA A 89 2.49 -37.58 -6.17
CA ALA A 89 1.97 -38.80 -6.75
C ALA A 89 2.83 -39.99 -6.29
N THR A 90 2.22 -41.17 -6.30
CA THR A 90 2.89 -42.43 -6.00
C THR A 90 2.76 -43.35 -7.21
N SER A 91 3.48 -44.48 -7.19
CA SER A 91 3.29 -45.57 -8.15
C SER A 91 1.81 -45.87 -8.36
N ALA A 92 1.05 -45.96 -7.27
CA ALA A 92 -0.35 -46.36 -7.32
C ALA A 92 -1.18 -45.38 -8.16
N ASP A 93 -0.79 -44.09 -8.16
CA ASP A 93 -1.54 -43.10 -8.91
C ASP A 93 -1.46 -43.34 -10.42
N PHE A 94 -0.44 -44.08 -10.89
CA PHE A 94 -0.26 -44.37 -12.31
C PHE A 94 -0.82 -45.74 -12.69
N LYS A 95 -1.37 -46.48 -11.71
CA LYS A 95 -2.09 -47.72 -11.96
C LYS A 95 -3.22 -47.46 -12.96
N GLY A 96 -3.26 -48.27 -14.03
CA GLY A 96 -4.30 -48.20 -15.04
C GLY A 96 -3.87 -47.38 -16.25
N LEU A 97 -2.91 -46.47 -16.08
CA LEU A 97 -2.46 -45.64 -17.19
C LEU A 97 -1.50 -46.43 -18.06
N PRO A 98 -1.30 -46.03 -19.34
CA PRO A 98 -0.25 -46.61 -20.18
C PRO A 98 1.11 -46.52 -19.47
N ALA A 99 1.98 -47.50 -19.74
CA ALA A 99 3.30 -47.55 -19.13
C ALA A 99 4.08 -46.27 -19.40
N ASP A 100 3.89 -45.68 -20.58
CA ASP A 100 4.68 -44.53 -21.01
C ASP A 100 4.18 -43.24 -20.36
N ALA A 101 3.04 -43.29 -19.65
CA ALA A 101 2.45 -42.09 -19.06
C ALA A 101 3.39 -41.44 -18.05
N TYR A 102 4.13 -42.27 -17.29
CA TYR A 102 4.99 -41.78 -16.23
C TYR A 102 6.20 -41.07 -16.84
N ARG A 103 6.87 -41.72 -17.79
CA ARG A 103 8.02 -41.15 -18.46
C ARG A 103 7.68 -39.75 -18.99
N LYS A 104 6.52 -39.63 -19.63
CA LYS A 104 6.09 -38.37 -20.22
C LYS A 104 5.76 -37.34 -19.14
N ALA A 105 5.20 -37.81 -18.02
CA ALA A 105 4.92 -36.95 -16.87
C ALA A 105 6.21 -36.39 -16.27
N GLN A 106 7.28 -37.20 -16.26
CA GLN A 106 8.56 -36.77 -15.71
C GLN A 106 9.13 -35.63 -16.56
N ILE A 107 9.04 -35.77 -17.89
CA ILE A 107 9.64 -34.80 -18.79
C ILE A 107 8.85 -33.50 -18.75
N THR A 108 7.52 -33.59 -18.72
CA THR A 108 6.66 -32.42 -18.73
C THR A 108 6.58 -31.77 -17.35
N LYS A 109 7.02 -32.48 -16.31
CA LYS A 109 6.93 -32.01 -14.93
C LYS A 109 5.47 -31.96 -14.50
N THR A 110 4.73 -33.05 -14.74
CA THR A 110 3.31 -33.12 -14.43
C THR A 110 2.99 -34.34 -13.57
N VAL A 111 4.01 -34.94 -12.94
CA VAL A 111 3.78 -36.16 -12.17
C VAL A 111 2.77 -35.89 -11.06
N TYR A 112 2.96 -34.78 -10.33
CA TYR A 112 2.11 -34.44 -9.19
C TYR A 112 0.68 -34.12 -9.62
N HIS A 113 0.42 -33.96 -10.92
CA HIS A 113 -0.95 -33.79 -11.40
C HIS A 113 -1.79 -35.03 -11.10
N HIS A 114 -1.13 -36.19 -11.00
CA HIS A 114 -1.79 -37.47 -10.82
C HIS A 114 -2.00 -37.83 -9.36
N GLY A 115 -1.57 -36.96 -8.43
CA GLY A 115 -1.53 -37.31 -7.01
C GLY A 115 -2.70 -36.74 -6.22
N LYS A 116 -2.70 -37.03 -4.91
CA LYS A 116 -3.66 -36.47 -3.97
C LYS A 116 -3.25 -35.05 -3.58
N GLY A 117 -4.18 -34.31 -2.96
CA GLY A 117 -3.87 -33.08 -2.27
C GLY A 117 -4.08 -31.82 -3.13
N ILE A 118 -4.70 -31.97 -4.31
CA ILE A 118 -4.96 -30.82 -5.15
C ILE A 118 -6.38 -30.32 -4.87
N CYS A 119 -6.50 -29.04 -4.52
CA CYS A 119 -7.80 -28.37 -4.53
C CYS A 119 -8.06 -27.84 -5.95
N PRO A 120 -9.08 -28.34 -6.68
CA PRO A 120 -9.28 -27.90 -8.07
C PRO A 120 -9.57 -26.42 -8.23
N GLN A 121 -9.38 -25.95 -9.47
CA GLN A 121 -9.77 -24.60 -9.87
C GLN A 121 -11.20 -24.33 -9.41
N GLY A 122 -11.41 -23.20 -8.72
CA GLY A 122 -12.74 -22.69 -8.43
C GLY A 122 -13.47 -23.47 -7.33
N VAL A 123 -12.76 -24.35 -6.61
CA VAL A 123 -13.40 -25.15 -5.57
C VAL A 123 -12.98 -24.62 -4.21
N SER A 124 -13.95 -24.15 -3.40
CA SER A 124 -13.67 -23.67 -2.05
C SER A 124 -13.09 -24.80 -1.20
N ARG A 125 -12.22 -24.45 -0.26
CA ARG A 125 -11.71 -25.42 0.70
C ARG A 125 -11.31 -24.71 1.98
N ASP A 126 -11.41 -25.45 3.10
CA ASP A 126 -11.01 -24.96 4.41
C ASP A 126 -9.72 -25.66 4.82
N TYR A 127 -8.89 -24.92 5.54
CA TYR A 127 -7.59 -25.41 5.96
C TYR A 127 -7.34 -24.98 7.41
N GLU A 128 -6.51 -25.77 8.10
CA GLU A 128 -6.07 -25.41 9.43
C GLU A 128 -4.64 -25.91 9.63
N PHE A 129 -3.84 -25.13 10.35
CA PHE A 129 -2.50 -25.52 10.72
C PHE A 129 -2.03 -24.65 11.89
N SER A 130 -0.98 -25.11 12.57
CA SER A 130 -0.46 -24.40 13.73
C SER A 130 1.04 -24.19 13.58
N VAL A 131 1.53 -23.06 14.11
CA VAL A 131 2.92 -22.70 14.02
C VAL A 131 3.41 -22.32 15.42
N TYR A 132 4.69 -22.59 15.68
CA TYR A 132 5.31 -22.32 16.98
C TYR A 132 6.62 -21.57 16.72
N ILE A 133 6.63 -20.28 17.07
CA ILE A 133 7.75 -19.39 16.79
C ILE A 133 8.58 -19.23 18.06
N PRO A 134 9.80 -19.78 18.15
CA PRO A 134 10.66 -19.54 19.31
C PRO A 134 11.00 -18.07 19.50
N SER A 135 11.22 -17.67 20.75
CA SER A 135 11.72 -16.35 21.10
C SER A 135 13.02 -16.04 20.35
N ALA A 136 13.75 -17.09 20.00
CA ALA A 136 15.06 -16.93 19.38
C ALA A 136 14.95 -16.52 17.92
N LEU A 137 13.76 -16.62 17.30
CA LEU A 137 13.63 -16.26 15.90
C LEU A 137 13.93 -14.78 15.73
N ASP A 138 14.87 -14.47 14.82
CA ASP A 138 15.32 -13.11 14.59
C ASP A 138 14.19 -12.32 13.91
N SER A 139 14.03 -11.04 14.31
CA SER A 139 12.93 -10.22 13.80
C SER A 139 13.10 -9.83 12.33
N ASN A 140 14.29 -10.01 11.75
CA ASN A 140 14.52 -9.62 10.36
C ASN A 140 14.56 -10.86 9.47
N VAL A 141 13.95 -11.96 9.90
CA VAL A 141 13.86 -13.13 9.05
C VAL A 141 12.98 -12.76 7.85
N SER A 142 13.19 -13.51 6.77
CA SER A 142 12.45 -13.30 5.53
C SER A 142 12.04 -14.68 5.03
N THR A 143 10.88 -15.15 5.48
CA THR A 143 10.51 -16.55 5.32
C THR A 143 8.99 -16.71 5.21
N ILE A 144 8.61 -17.57 4.26
CA ILE A 144 7.24 -18.04 4.13
C ILE A 144 7.13 -19.38 4.84
N PHE A 145 6.18 -19.48 5.79
CA PHE A 145 6.07 -20.67 6.62
C PHE A 145 4.86 -21.53 6.22
N ALA A 146 3.98 -20.96 5.40
CA ALA A 146 2.86 -21.72 4.86
C ALA A 146 2.40 -21.05 3.57
N GLN A 147 2.14 -21.85 2.54
CA GLN A 147 1.77 -21.28 1.25
C GLN A 147 0.84 -22.23 0.52
N TRP A 148 0.02 -21.64 -0.33
CA TRP A 148 -0.84 -22.36 -1.25
C TRP A 148 -0.30 -22.11 -2.65
N HIS A 149 0.18 -23.18 -3.29
CA HIS A 149 0.98 -23.12 -4.50
C HIS A 149 0.14 -23.54 -5.69
N GLY A 150 0.32 -22.84 -6.81
CA GLY A 150 -0.39 -23.14 -8.05
C GLY A 150 0.32 -24.24 -8.85
N MET A 151 -0.29 -24.62 -9.98
CA MET A 151 0.20 -25.72 -10.79
C MET A 151 0.19 -25.26 -12.26
N PRO A 152 1.33 -24.74 -12.76
CA PRO A 152 1.42 -24.25 -14.14
C PRO A 152 1.03 -25.25 -15.23
N ASP A 153 0.57 -24.71 -16.37
CA ASP A 153 0.28 -25.51 -17.54
C ASP A 153 1.60 -25.84 -18.23
N ARG A 154 1.96 -27.13 -18.23
CA ARG A 154 3.32 -27.56 -18.51
C ARG A 154 3.63 -27.69 -20.00
N THR A 155 2.62 -27.67 -20.88
CA THR A 155 2.88 -27.67 -22.33
C THR A 155 2.44 -26.35 -22.95
N LEU A 156 2.22 -25.33 -22.10
CA LEU A 156 1.90 -23.99 -22.56
C LEU A 156 3.21 -23.23 -22.78
N VAL A 157 3.45 -22.80 -24.03
CA VAL A 157 4.75 -22.27 -24.42
C VAL A 157 4.55 -20.94 -25.16
N GLN A 158 5.65 -20.19 -25.29
CA GLN A 158 5.69 -19.03 -26.16
C GLN A 158 6.85 -19.19 -27.14
N THR A 159 6.58 -18.97 -28.43
CA THR A 159 7.61 -19.09 -29.46
C THR A 159 8.54 -17.88 -29.39
N PRO A 160 9.75 -17.99 -29.96
CA PRO A 160 10.62 -16.82 -30.17
C PRO A 160 9.92 -15.62 -30.79
N GLU A 161 8.95 -15.90 -31.68
CA GLU A 161 8.25 -14.87 -32.44
C GLU A 161 7.12 -14.26 -31.62
N GLY A 162 6.77 -14.88 -30.50
CA GLY A 162 5.90 -14.26 -29.50
C GLY A 162 4.47 -14.81 -29.49
N GLU A 163 4.24 -15.96 -30.12
CA GLU A 163 2.93 -16.60 -30.07
C GLU A 163 2.82 -17.49 -28.83
N VAL A 164 1.75 -17.30 -28.06
CA VAL A 164 1.44 -18.14 -26.91
C VAL A 164 0.55 -19.29 -27.39
N LYS A 165 0.94 -20.53 -27.07
CA LYS A 165 0.17 -21.68 -27.53
C LYS A 165 0.37 -22.89 -26.61
N LYS A 166 -0.67 -23.70 -26.47
CA LYS A 166 -0.57 -24.95 -25.73
C LYS A 166 -0.44 -26.10 -26.71
N LEU A 167 0.60 -26.92 -26.51
CA LEU A 167 0.87 -28.06 -27.38
C LEU A 167 0.36 -29.33 -26.76
N THR A 168 0.20 -30.37 -27.59
CA THR A 168 0.07 -31.73 -27.07
C THR A 168 1.37 -32.08 -26.35
N VAL A 169 1.28 -33.12 -25.52
CA VAL A 169 2.44 -33.63 -24.82
C VAL A 169 3.45 -34.14 -25.85
N ASP A 170 2.99 -34.86 -26.86
CA ASP A 170 3.87 -35.42 -27.88
C ASP A 170 4.64 -34.31 -28.60
N GLU A 171 3.96 -33.21 -28.90
CA GLU A 171 4.58 -32.06 -29.56
C GLU A 171 5.55 -31.38 -28.62
N PHE A 172 5.22 -31.35 -27.32
CA PHE A 172 6.11 -30.75 -26.33
C PHE A 172 7.36 -31.61 -26.19
N LEU A 173 7.20 -32.94 -26.22
CA LEU A 173 8.34 -33.85 -26.17
C LEU A 173 9.26 -33.61 -27.37
N GLU A 174 8.70 -33.27 -28.53
CA GLU A 174 9.48 -33.01 -29.73
C GLU A 174 10.34 -31.76 -29.54
N LEU A 175 9.70 -30.68 -29.06
CA LEU A 175 10.37 -29.44 -28.75
C LEU A 175 11.53 -29.67 -27.80
N ASP A 176 11.31 -30.55 -26.81
CA ASP A 176 12.30 -30.85 -25.78
C ASP A 176 13.54 -31.55 -26.32
N LYS A 177 13.49 -32.01 -27.57
CA LYS A 177 14.65 -32.64 -28.18
C LYS A 177 15.75 -31.62 -28.49
N THR A 178 15.38 -30.37 -28.75
CA THR A 178 16.34 -29.34 -29.14
C THR A 178 16.30 -28.15 -28.19
N THR A 179 15.29 -28.07 -27.32
CA THR A 179 15.21 -27.02 -26.31
C THR A 179 15.34 -27.65 -24.94
N ILE A 180 16.09 -26.99 -24.06
CA ILE A 180 16.07 -27.27 -22.64
C ILE A 180 15.60 -26.00 -21.94
N PHE A 181 14.66 -26.18 -21.00
CA PHE A 181 14.13 -25.07 -20.23
C PHE A 181 14.81 -25.04 -18.87
N LYS A 182 15.38 -23.88 -18.52
CA LYS A 182 15.79 -23.59 -17.17
C LYS A 182 14.71 -22.72 -16.56
N LYS A 183 13.95 -23.30 -15.63
CA LYS A 183 12.74 -22.67 -15.12
C LYS A 183 11.82 -22.45 -16.33
N ASN A 184 11.47 -21.19 -16.64
CA ASN A 184 10.54 -20.89 -17.71
C ASN A 184 11.27 -20.63 -19.05
N THR A 185 12.60 -20.52 -19.02
CA THR A 185 13.35 -19.93 -20.11
C THR A 185 13.97 -21.01 -21.00
N GLY A 186 13.70 -20.94 -22.30
CA GLY A 186 14.22 -21.91 -23.24
C GLY A 186 15.66 -21.57 -23.66
N HIS A 187 16.47 -22.63 -23.78
CA HIS A 187 17.83 -22.53 -24.28
C HIS A 187 18.04 -23.62 -25.31
N GLU A 188 18.99 -23.39 -26.23
CA GLU A 188 19.45 -24.43 -27.12
C GLU A 188 20.00 -25.56 -26.25
N LYS A 189 19.54 -26.78 -26.53
CA LYS A 189 20.02 -27.93 -25.80
C LYS A 189 21.37 -28.34 -26.37
N VAL A 190 22.35 -28.51 -25.46
CA VAL A 190 23.70 -28.94 -25.83
C VAL A 190 24.17 -29.97 -24.81
N ALA A 191 25.35 -30.54 -25.07
CA ALA A 191 25.97 -31.52 -24.19
C ALA A 191 27.14 -30.87 -23.45
N LYS A 192 27.26 -31.19 -22.16
CA LYS A 192 28.24 -30.58 -21.27
C LYS A 192 29.59 -31.27 -21.42
N LEU A 193 30.66 -30.49 -21.20
CA LEU A 193 32.03 -30.97 -21.25
C LEU A 193 32.62 -30.91 -19.85
N ASP A 194 33.65 -31.73 -19.62
CA ASP A 194 34.49 -31.60 -18.43
C ASP A 194 35.46 -30.44 -18.63
N LYS A 195 36.34 -30.22 -17.66
CA LYS A 195 37.29 -29.12 -17.69
C LYS A 195 38.37 -29.35 -18.74
N GLN A 196 38.46 -30.58 -19.30
CA GLN A 196 39.44 -30.87 -20.32
C GLN A 196 38.86 -30.67 -21.72
N GLY A 197 37.55 -30.42 -21.81
CA GLY A 197 36.87 -30.25 -23.09
C GLY A 197 36.41 -31.58 -23.69
N ASN A 198 36.20 -32.58 -22.82
CA ASN A 198 35.73 -33.88 -23.27
C ASN A 198 34.31 -34.10 -22.75
N PRO A 199 33.42 -34.74 -23.54
CA PRO A 199 32.01 -34.84 -23.18
C PRO A 199 31.81 -35.65 -21.90
N LEU A 200 30.93 -35.17 -21.03
CA LEU A 200 30.55 -35.91 -19.84
C LEU A 200 29.60 -37.04 -20.23
N LYS A 201 29.69 -38.16 -19.50
CA LYS A 201 28.72 -39.23 -19.54
C LYS A 201 28.12 -39.42 -18.15
N ASP A 202 26.79 -39.54 -18.06
CA ASP A 202 26.11 -39.74 -16.79
C ASP A 202 26.22 -41.21 -16.37
N LYS A 203 25.52 -41.59 -15.29
CA LYS A 203 25.61 -42.94 -14.74
C LYS A 203 25.08 -43.97 -15.74
N LYS A 204 24.21 -43.53 -16.66
CA LYS A 204 23.58 -44.41 -17.64
C LYS A 204 24.39 -44.47 -18.94
N GLY A 205 25.49 -43.72 -19.02
CA GLY A 205 26.33 -43.68 -20.21
C GLY A 205 25.82 -42.67 -21.24
N ASN A 206 24.89 -41.81 -20.83
CA ASN A 206 24.26 -40.85 -21.72
C ASN A 206 24.99 -39.51 -21.63
N PRO A 207 24.86 -38.63 -22.64
CA PRO A 207 25.38 -37.26 -22.51
C PRO A 207 24.65 -36.51 -21.40
N VAL A 208 25.36 -35.57 -20.76
CA VAL A 208 24.76 -34.68 -19.78
C VAL A 208 24.33 -33.43 -20.50
N TYR A 209 23.03 -33.20 -20.56
CA TYR A 209 22.46 -32.08 -21.29
C TYR A 209 22.66 -30.80 -20.47
N LYS A 210 22.80 -29.69 -21.19
CA LYS A 210 23.10 -28.40 -20.62
C LYS A 210 22.37 -27.32 -21.40
N ALA A 211 22.09 -26.20 -20.73
CA ALA A 211 21.53 -25.02 -21.38
C ALA A 211 22.64 -24.26 -22.12
N GLY A 212 22.49 -24.15 -23.44
CA GLY A 212 23.27 -23.24 -24.25
C GLY A 212 22.69 -21.82 -24.16
N LYS A 213 22.81 -21.07 -25.25
CA LYS A 213 22.28 -19.71 -25.28
C LYS A 213 20.75 -19.77 -25.23
N LYS A 214 20.14 -18.68 -24.74
CA LYS A 214 18.70 -18.53 -24.78
C LYS A 214 18.26 -18.55 -26.25
N ASN A 215 17.11 -19.19 -26.51
CA ASN A 215 16.66 -19.39 -27.88
C ASN A 215 15.30 -18.75 -28.11
N GLY A 216 14.78 -18.02 -27.12
CA GLY A 216 13.57 -17.25 -27.30
C GLY A 216 12.30 -17.97 -26.84
N TRP A 217 12.37 -19.31 -26.67
CA TRP A 217 11.23 -20.07 -26.18
C TRP A 217 11.00 -19.82 -24.69
N LEU A 218 9.73 -19.83 -24.30
CA LEU A 218 9.31 -19.84 -22.90
C LEU A 218 8.36 -21.01 -22.68
N VAL A 219 8.28 -21.46 -21.43
CA VAL A 219 7.27 -22.41 -20.98
C VAL A 219 6.70 -21.89 -19.67
N GLU A 220 5.45 -22.23 -19.37
CA GLU A 220 4.85 -21.81 -18.11
C GLU A 220 5.54 -22.55 -16.98
N GLN A 221 5.98 -21.78 -15.97
CA GLN A 221 6.73 -22.32 -14.85
C GLN A 221 6.76 -21.27 -13.73
N GLY A 222 6.84 -21.77 -12.49
CA GLY A 222 6.97 -20.93 -11.31
C GLY A 222 5.76 -20.02 -11.10
N GLY A 223 6.04 -18.82 -10.61
CA GLY A 223 5.01 -17.85 -10.28
C GLY A 223 4.85 -17.74 -8.77
N TYR A 224 4.36 -16.58 -8.34
CA TYR A 224 4.04 -16.33 -6.96
C TYR A 224 2.99 -17.31 -6.45
N PRO A 225 3.01 -17.66 -5.15
CA PRO A 225 1.97 -18.50 -4.57
C PRO A 225 0.71 -17.66 -4.43
N PRO A 226 -0.47 -18.21 -4.82
CA PRO A 226 -1.75 -17.57 -4.52
C PRO A 226 -1.95 -17.08 -3.09
N LEU A 227 -1.44 -17.84 -2.11
CA LEU A 227 -1.55 -17.42 -0.72
C LEU A 227 -0.26 -17.80 0.01
N ALA A 228 0.26 -16.85 0.80
CA ALA A 228 1.44 -17.08 1.60
C ALA A 228 1.28 -16.47 2.99
N PHE A 229 1.71 -17.22 4.00
CA PHE A 229 1.87 -16.70 5.36
C PHE A 229 3.36 -16.60 5.65
N GLY A 230 3.84 -15.45 6.14
CA GLY A 230 5.28 -15.34 6.38
C GLY A 230 5.69 -14.16 7.25
N PHE A 231 7.02 -13.96 7.32
CA PHE A 231 7.63 -12.83 7.99
C PHE A 231 8.56 -12.12 7.00
N SER A 232 8.58 -10.79 7.07
CA SER A 232 9.41 -9.99 6.19
C SER A 232 9.50 -8.57 6.73
N GLY A 233 10.73 -8.05 6.84
CA GLY A 233 10.97 -6.66 7.20
C GLY A 233 10.39 -6.27 8.56
N GLY A 234 10.29 -7.26 9.47
CA GLY A 234 9.78 -7.03 10.81
C GLY A 234 8.24 -7.12 10.89
N TRP A 235 7.64 -7.85 9.95
CA TRP A 235 6.19 -7.99 9.89
C TRP A 235 5.81 -9.45 9.65
N PHE A 236 4.87 -9.96 10.47
CA PHE A 236 4.04 -11.10 10.09
C PHE A 236 3.06 -10.60 9.04
N TYR A 237 2.82 -11.38 7.99
CA TYR A 237 1.90 -10.97 6.94
C TYR A 237 1.15 -12.16 6.35
N ILE A 238 -0.02 -11.88 5.78
CA ILE A 238 -0.72 -12.80 4.89
C ILE A 238 -0.88 -12.10 3.55
N LYS A 239 -0.40 -12.75 2.49
CA LYS A 239 -0.36 -12.15 1.16
C LYS A 239 -1.07 -13.04 0.17
N ALA A 240 -2.02 -12.46 -0.59
CA ALA A 240 -2.76 -13.16 -1.65
C ALA A 240 -2.37 -12.61 -3.02
N ASN A 241 -2.15 -13.54 -3.97
CA ASN A 241 -1.77 -13.17 -5.32
C ASN A 241 -2.76 -13.77 -6.33
N SER A 242 -2.95 -13.03 -7.43
CA SER A 242 -3.80 -13.47 -8.53
C SER A 242 -3.10 -13.21 -9.86
N ASP A 243 -3.35 -14.08 -10.85
CA ASP A 243 -2.77 -13.95 -12.18
C ASP A 243 -3.74 -14.52 -13.21
N ARG A 244 -4.33 -13.64 -14.03
CA ARG A 244 -5.37 -14.01 -14.96
C ARG A 244 -4.81 -14.30 -16.36
N ARG A 245 -3.52 -13.99 -16.57
CA ARG A 245 -2.88 -14.25 -17.85
C ARG A 245 -2.81 -15.76 -18.05
N TRP A 246 -3.10 -16.20 -19.27
CA TRP A 246 -3.12 -17.63 -19.55
C TRP A 246 -1.71 -18.18 -19.31
N LEU A 247 -0.73 -17.53 -19.94
CA LEU A 247 0.67 -17.77 -19.67
C LEU A 247 1.18 -16.68 -18.73
N THR A 248 1.53 -17.06 -17.50
CA THR A 248 2.11 -16.15 -16.54
C THR A 248 3.33 -15.47 -17.17
N ASP A 249 3.34 -14.13 -17.11
CA ASP A 249 4.52 -13.35 -17.45
C ASP A 249 5.36 -13.12 -16.19
N LYS A 250 6.53 -13.77 -16.10
CA LYS A 250 7.35 -13.72 -14.91
C LYS A 250 8.07 -12.37 -14.77
N THR A 251 8.16 -11.61 -15.87
CA THR A 251 8.82 -10.32 -15.85
C THR A 251 7.93 -9.29 -15.13
N ASP A 252 6.64 -9.59 -14.99
CA ASP A 252 5.71 -8.72 -14.28
C ASP A 252 5.81 -9.00 -12.79
N ARG A 253 6.66 -8.23 -12.10
CA ARG A 253 7.00 -8.50 -10.70
C ARG A 253 5.98 -7.80 -9.79
N CYS A 254 4.69 -8.05 -10.02
CA CYS A 254 3.60 -7.47 -9.25
C CYS A 254 3.52 -8.17 -7.90
N ASN A 255 4.05 -7.50 -6.85
CA ASN A 255 4.14 -8.11 -5.54
C ASN A 255 4.02 -7.02 -4.47
N ALA A 256 3.20 -7.31 -3.45
CA ALA A 256 2.99 -6.38 -2.36
C ALA A 256 4.08 -6.60 -1.32
N SER A 257 4.48 -5.49 -0.68
CA SER A 257 5.47 -5.48 0.39
C SER A 257 4.75 -5.43 1.74
N PRO A 258 4.99 -6.41 2.64
CA PRO A 258 4.45 -6.35 3.99
C PRO A 258 4.72 -5.03 4.69
N GLU A 259 5.94 -4.52 4.52
CA GLU A 259 6.34 -3.28 5.17
C GLU A 259 5.48 -2.16 4.59
N LYS A 260 5.64 -1.94 3.28
CA LYS A 260 5.25 -0.71 2.60
C LYS A 260 3.75 -0.73 2.26
N THR A 261 3.24 -1.90 1.85
CA THR A 261 1.88 -1.97 1.33
C THR A 261 0.88 -1.99 2.49
N PRO A 262 -0.08 -1.05 2.54
CA PRO A 262 -1.15 -1.09 3.53
C PRO A 262 -2.09 -2.25 3.24
N VAL A 263 -2.80 -2.69 4.28
CA VAL A 263 -3.65 -3.87 4.24
C VAL A 263 -4.84 -3.62 3.30
N MET A 264 -5.15 -4.65 2.50
CA MET A 264 -6.33 -4.69 1.64
C MET A 264 -6.34 -3.53 0.64
N LYS A 265 -5.14 -3.16 0.17
CA LYS A 265 -4.95 -2.23 -0.93
C LYS A 265 -4.12 -2.90 -2.01
N PRO A 266 -4.73 -3.59 -2.99
CA PRO A 266 -3.96 -4.41 -3.94
C PRO A 266 -2.95 -3.63 -4.77
N VAL A 267 -1.74 -4.19 -4.88
CA VAL A 267 -0.81 -3.77 -5.93
C VAL A 267 -1.22 -4.54 -7.19
N THR A 268 -1.42 -3.84 -8.31
CA THR A 268 -1.99 -4.45 -9.50
C THR A 268 -1.14 -4.12 -10.72
N SER A 269 -1.17 -5.05 -11.69
CA SER A 269 -0.69 -4.82 -13.05
C SER A 269 -1.86 -5.10 -13.98
N LYS A 270 -1.60 -5.20 -15.28
CA LYS A 270 -2.67 -5.55 -16.21
C LYS A 270 -3.31 -6.88 -15.81
N TYR A 271 -2.48 -7.88 -15.48
CA TYR A 271 -2.95 -9.25 -15.31
C TYR A 271 -2.89 -9.71 -13.86
N LYS A 272 -2.08 -9.06 -13.01
CA LYS A 272 -1.80 -9.58 -11.68
C LYS A 272 -2.37 -8.67 -10.60
N SER A 273 -2.52 -9.27 -9.41
CA SER A 273 -2.88 -8.56 -8.19
C SER A 273 -2.14 -9.18 -7.01
N SER A 274 -1.57 -8.34 -6.14
CA SER A 274 -0.92 -8.81 -4.92
C SER A 274 -1.46 -8.00 -3.74
N THR A 275 -2.14 -8.68 -2.80
CA THR A 275 -2.78 -8.00 -1.69
C THR A 275 -2.21 -8.49 -0.35
N ILE A 276 -1.83 -7.55 0.51
CA ILE A 276 -1.59 -7.84 1.91
C ILE A 276 -2.95 -7.88 2.61
N ALA A 277 -3.40 -9.10 2.93
CA ALA A 277 -4.68 -9.33 3.56
C ALA A 277 -4.63 -8.96 5.04
N TYR A 278 -3.47 -9.16 5.66
CA TYR A 278 -3.27 -8.83 7.06
C TYR A 278 -1.78 -8.70 7.34
N LYS A 279 -1.43 -7.85 8.32
CA LYS A 279 -0.08 -7.83 8.85
C LYS A 279 -0.12 -7.42 10.32
N MET A 280 0.95 -7.76 11.02
CA MET A 280 1.15 -7.36 12.40
C MET A 280 2.64 -7.25 12.64
N PRO A 281 3.10 -6.29 13.49
CA PRO A 281 4.53 -6.17 13.79
C PRO A 281 5.03 -7.50 14.35
N PHE A 282 6.22 -7.90 13.89
CA PHE A 282 6.87 -9.12 14.33
C PHE A 282 6.84 -9.23 15.85
N ALA A 283 7.05 -8.09 16.53
CA ALA A 283 7.16 -8.04 17.98
C ALA A 283 5.86 -8.49 18.65
N ASP A 284 4.74 -8.30 17.96
CA ASP A 284 3.42 -8.60 18.52
C ASP A 284 3.01 -10.03 18.22
N PHE A 285 3.73 -10.72 17.33
CA PHE A 285 3.41 -12.12 17.04
C PHE A 285 3.75 -12.92 18.30
N PRO A 286 2.83 -13.77 18.82
CA PRO A 286 3.10 -14.56 20.02
C PRO A 286 4.28 -15.51 19.80
N LYS A 287 5.20 -15.53 20.78
CA LYS A 287 6.36 -16.41 20.74
C LYS A 287 6.21 -17.51 21.79
N ASP A 288 6.86 -18.65 21.52
CA ASP A 288 6.94 -19.78 22.43
C ASP A 288 5.54 -20.29 22.80
N CYS A 289 4.66 -20.35 21.81
CA CYS A 289 3.33 -20.92 21.98
C CYS A 289 2.81 -21.30 20.60
N TRP A 290 1.82 -22.21 20.57
CA TRP A 290 1.20 -22.61 19.32
C TRP A 290 0.15 -21.59 18.90
N VAL A 291 0.28 -21.11 17.66
CA VAL A 291 -0.67 -20.22 17.03
C VAL A 291 -1.37 -21.01 15.93
N THR A 292 -2.70 -21.11 16.02
CA THR A 292 -3.51 -21.92 15.11
C THR A 292 -4.24 -21.00 14.14
N PHE A 293 -4.12 -21.31 12.85
CA PHE A 293 -4.82 -20.57 11.81
C PHE A 293 -5.90 -21.43 11.18
N ARG A 294 -7.10 -20.86 11.09
CA ARG A 294 -8.21 -21.47 10.38
C ARG A 294 -8.48 -20.59 9.17
N VAL A 295 -8.37 -21.19 7.98
CA VAL A 295 -8.36 -20.46 6.73
C VAL A 295 -9.47 -21.02 5.84
N HIS A 296 -10.39 -20.15 5.38
CA HIS A 296 -11.33 -20.49 4.32
C HIS A 296 -11.02 -19.68 3.07
N ILE A 297 -10.89 -20.38 1.94
CA ILE A 297 -10.56 -19.75 0.66
C ILE A 297 -11.66 -20.07 -0.37
N ASP A 298 -12.18 -18.99 -0.98
CA ASP A 298 -12.89 -19.07 -2.24
C ASP A 298 -11.96 -18.52 -3.33
N TRP A 299 -11.49 -19.40 -4.22
CA TRP A 299 -10.52 -19.02 -5.23
C TRP A 299 -11.18 -18.12 -6.27
N THR A 300 -10.46 -17.09 -6.71
CA THR A 300 -10.80 -16.39 -7.94
C THR A 300 -10.91 -17.42 -9.06
N THR A 301 -11.86 -17.19 -9.96
CA THR A 301 -12.12 -18.10 -11.08
C THR A 301 -11.80 -17.35 -12.38
N TYR A 302 -11.21 -18.08 -13.34
CA TYR A 302 -10.62 -17.50 -14.54
C TYR A 302 -11.17 -18.18 -15.79
N GLY A 303 -11.08 -17.50 -16.93
CA GLY A 303 -11.63 -18.02 -18.18
C GLY A 303 -10.58 -18.58 -19.14
N LYS A 304 -9.49 -19.16 -18.59
CA LYS A 304 -8.48 -19.86 -19.38
C LYS A 304 -7.99 -18.97 -20.54
N GLU A 305 -8.16 -19.46 -21.79
CA GLU A 305 -7.62 -18.80 -22.96
C GLU A 305 -8.23 -17.42 -23.17
N ALA A 306 -9.38 -17.14 -22.51
CA ALA A 306 -10.03 -15.84 -22.59
C ALA A 306 -9.39 -14.84 -21.64
N GLU A 307 -8.74 -15.34 -20.58
CA GLU A 307 -7.91 -14.56 -19.68
C GLU A 307 -8.72 -13.57 -18.83
N ASN A 308 -10.00 -13.84 -18.64
CA ASN A 308 -10.86 -12.97 -17.86
C ASN A 308 -10.95 -13.51 -16.44
N ILE A 309 -11.23 -12.61 -15.50
CA ILE A 309 -11.66 -13.02 -14.17
C ILE A 309 -13.17 -13.18 -14.22
N VAL A 310 -13.64 -14.41 -13.92
CA VAL A 310 -15.05 -14.74 -13.99
C VAL A 310 -15.74 -14.21 -12.73
N LYS A 311 -15.23 -14.66 -11.59
CA LYS A 311 -15.70 -14.21 -10.28
C LYS A 311 -14.51 -13.97 -9.37
N PRO A 312 -14.59 -12.97 -8.48
CA PRO A 312 -13.54 -12.72 -7.49
C PRO A 312 -13.51 -13.84 -6.45
N GLY A 313 -12.47 -13.83 -5.63
CA GLY A 313 -12.31 -14.80 -4.55
C GLY A 313 -12.72 -14.19 -3.21
N LYS A 314 -12.48 -14.96 -2.15
CA LYS A 314 -12.76 -14.53 -0.80
C LYS A 314 -11.79 -15.21 0.15
N LEU A 315 -11.40 -14.49 1.19
CA LEU A 315 -10.47 -15.03 2.19
C LEU A 315 -11.01 -14.75 3.59
N ASP A 316 -11.02 -15.78 4.42
CA ASP A 316 -11.34 -15.66 5.83
C ASP A 316 -10.28 -16.38 6.64
N VAL A 317 -9.74 -15.69 7.66
CA VAL A 317 -8.71 -16.25 8.51
C VAL A 317 -9.03 -15.91 9.97
N GLN A 318 -9.04 -16.95 10.81
CA GLN A 318 -9.10 -16.81 12.26
C GLN A 318 -7.76 -17.25 12.85
N MET A 319 -7.30 -16.53 13.88
CA MET A 319 -6.02 -16.79 14.54
C MET A 319 -6.29 -17.01 16.02
N GLU A 320 -5.79 -18.13 16.56
CA GLU A 320 -6.07 -18.50 17.94
C GLU A 320 -4.77 -18.91 18.63
N TYR A 321 -4.62 -18.53 19.91
CA TYR A 321 -3.48 -18.93 20.71
C TYR A 321 -3.76 -18.60 22.17
N THR A 322 -2.86 -19.10 23.04
CA THR A 322 -2.88 -18.81 24.46
C THR A 322 -1.53 -18.24 24.85
N ASP A 323 -1.54 -17.05 25.48
CA ASP A 323 -0.30 -16.37 25.88
C ASP A 323 -0.65 -15.36 26.99
N LYS A 324 0.21 -15.32 28.04
CA LYS A 324 0.06 -14.43 29.18
C LYS A 324 -1.25 -14.72 29.91
N LYS A 325 -1.58 -16.02 29.96
CA LYS A 325 -2.66 -16.52 30.78
C LYS A 325 -4.00 -15.96 30.29
N LYS A 326 -4.13 -15.86 28.96
CA LYS A 326 -5.40 -15.56 28.32
C LYS A 326 -5.43 -16.21 26.95
N THR A 327 -6.60 -16.77 26.58
CA THR A 327 -6.80 -17.27 25.22
C THR A 327 -7.22 -16.10 24.35
N VAL A 328 -6.63 -16.01 23.15
CA VAL A 328 -6.96 -14.98 22.18
C VAL A 328 -7.52 -15.64 20.94
N LYS A 329 -8.60 -15.06 20.40
CA LYS A 329 -9.10 -15.43 19.09
C LYS A 329 -9.39 -14.15 18.33
N GLU A 330 -8.71 -13.98 17.18
CA GLU A 330 -8.86 -12.77 16.39
C GLU A 330 -9.19 -13.14 14.95
N HIS A 331 -10.19 -12.44 14.42
CA HIS A 331 -10.67 -12.60 13.06
C HIS A 331 -9.83 -11.69 12.16
N ILE A 332 -8.57 -12.07 11.95
CA ILE A 332 -7.56 -11.19 11.37
C ILE A 332 -7.83 -10.94 9.89
N VAL A 333 -8.46 -11.90 9.19
CA VAL A 333 -9.01 -11.65 7.87
C VAL A 333 -10.49 -12.01 7.90
N ASN A 334 -11.32 -10.97 7.91
CA ASN A 334 -12.75 -11.07 8.19
C ASN A 334 -13.54 -11.12 6.89
N ASN A 335 -13.64 -12.32 6.30
CA ASN A 335 -14.41 -12.55 5.07
C ASN A 335 -14.19 -11.43 4.05
N GLU A 336 -12.95 -11.30 3.59
CA GLU A 336 -12.60 -10.23 2.66
C GLU A 336 -12.69 -10.75 1.22
N VAL A 337 -13.40 -9.99 0.38
CA VAL A 337 -13.33 -10.18 -1.07
C VAL A 337 -11.91 -9.84 -1.51
N ILE A 338 -11.30 -10.75 -2.27
CA ILE A 338 -9.89 -10.64 -2.62
C ILE A 338 -9.66 -11.40 -3.93
N GLN A 339 -8.64 -10.99 -4.69
CA GLN A 339 -8.21 -11.77 -5.84
C GLN A 339 -7.14 -12.75 -5.38
N ILE A 340 -7.35 -14.04 -5.68
CA ILE A 340 -6.49 -15.08 -5.17
C ILE A 340 -6.58 -16.31 -6.09
N GLY A 341 -5.47 -16.62 -6.76
CA GLY A 341 -5.39 -17.82 -7.59
C GLY A 341 -4.50 -17.60 -8.81
N ARG A 342 -4.62 -18.54 -9.76
CA ARG A 342 -3.92 -18.47 -11.03
C ARG A 342 -4.78 -19.05 -12.14
N ASN A 343 -4.63 -18.50 -13.35
CA ASN A 343 -5.35 -18.97 -14.51
C ASN A 343 -4.60 -20.17 -15.10
N ASP A 344 -4.84 -21.35 -14.51
CA ASP A 344 -4.27 -22.62 -14.95
C ASP A 344 -5.39 -23.65 -15.05
N ASP A 345 -5.10 -24.78 -15.69
CA ASP A 345 -6.03 -25.91 -15.72
C ASP A 345 -6.17 -26.52 -14.34
N ASP A 346 -5.04 -26.74 -13.67
CA ASP A 346 -5.04 -27.39 -12.38
C ASP A 346 -5.05 -26.34 -11.28
N GLY A 347 -5.34 -26.83 -10.06
CA GLY A 347 -5.60 -25.98 -8.91
C GLY A 347 -4.37 -25.85 -8.03
N TYR A 348 -4.56 -26.08 -6.73
CA TYR A 348 -3.64 -25.55 -5.72
C TYR A 348 -3.34 -26.59 -4.65
N TYR A 349 -2.11 -26.54 -4.13
CA TYR A 349 -1.69 -27.47 -3.09
C TYR A 349 -0.98 -26.69 -1.98
N PHE A 350 -1.07 -27.25 -0.77
CA PHE A 350 -0.53 -26.63 0.42
C PHE A 350 0.89 -27.15 0.69
N LYS A 351 1.74 -26.24 1.16
CA LYS A 351 3.02 -26.58 1.75
C LYS A 351 3.21 -25.76 3.03
N PHE A 352 3.99 -26.30 3.97
CA PHE A 352 4.49 -25.49 5.07
C PHE A 352 5.94 -25.87 5.34
N GLY A 353 6.63 -25.01 6.09
CA GLY A 353 8.03 -25.20 6.41
C GLY A 353 8.78 -23.87 6.28
N ILE A 354 9.95 -23.91 5.63
CA ILE A 354 10.74 -22.72 5.41
C ILE A 354 10.96 -22.55 3.92
N TYR A 355 10.57 -21.36 3.44
CA TYR A 355 10.95 -20.89 2.13
C TYR A 355 11.52 -19.49 2.34
N ARG A 356 12.86 -19.41 2.30
CA ARG A 356 13.57 -18.20 2.66
C ARG A 356 13.83 -17.38 1.40
N VAL A 357 13.15 -16.23 1.34
CA VAL A 357 13.04 -15.44 0.12
C VAL A 357 13.54 -14.04 0.43
N GLY A 358 13.50 -13.16 -0.58
CA GLY A 358 13.96 -11.79 -0.42
C GLY A 358 15.47 -11.71 -0.25
N ASN A 359 16.18 -12.65 -0.90
CA ASN A 359 17.63 -12.75 -0.88
C ASN A 359 18.16 -12.67 0.56
N SER A 360 17.71 -13.59 1.41
CA SER A 360 18.03 -13.58 2.83
C SER A 360 18.79 -14.85 3.22
N THR A 361 19.76 -14.71 4.14
CA THR A 361 20.44 -15.84 4.76
C THR A 361 20.34 -15.73 6.30
N VAL A 362 19.41 -14.90 6.80
CA VAL A 362 19.16 -14.83 8.22
C VAL A 362 18.61 -16.18 8.66
N PRO A 363 19.20 -16.84 9.68
CA PRO A 363 18.73 -18.17 10.10
C PRO A 363 17.24 -18.21 10.43
N VAL A 364 16.61 -19.35 10.15
CA VAL A 364 15.21 -19.58 10.42
C VAL A 364 15.02 -20.92 11.11
N CYS A 365 14.30 -20.92 12.23
CA CYS A 365 13.94 -22.15 12.91
C CYS A 365 12.60 -21.98 13.62
N TYR A 366 11.64 -22.86 13.31
CA TYR A 366 10.36 -22.90 14.00
C TYR A 366 9.71 -24.26 13.75
N ASN A 367 8.53 -24.47 14.35
CA ASN A 367 7.85 -25.76 14.31
C ASN A 367 6.48 -25.58 13.69
N LEU A 368 6.02 -26.61 12.97
CA LEU A 368 4.70 -26.62 12.35
C LEU A 368 4.02 -27.93 12.69
N ALA A 369 2.69 -27.89 12.85
CA ALA A 369 1.90 -29.06 13.16
C ALA A 369 0.41 -28.84 12.92
N GLY A 370 -0.35 -29.94 13.06
CA GLY A 370 -1.80 -29.92 13.19
C GLY A 370 -2.49 -29.55 11.89
N TYR A 371 -1.96 -30.03 10.75
CA TYR A 371 -2.51 -29.67 9.46
C TYR A 371 -3.76 -30.49 9.16
N LYS A 372 -4.80 -29.84 8.64
CA LYS A 372 -5.96 -30.53 8.10
C LYS A 372 -6.55 -29.65 7.01
N GLU A 373 -7.12 -30.30 5.98
CA GLU A 373 -7.86 -29.59 4.95
C GLU A 373 -9.23 -30.26 4.80
N GLU A 374 -10.24 -29.43 4.52
CA GLU A 374 -11.66 -29.76 4.58
C GLU A 374 -11.88 -31.20 5.10
N GLU B 8 -5.70 10.64 -26.02
CA GLU B 8 -6.19 10.75 -24.62
C GLU B 8 -6.66 12.18 -24.37
N THR B 9 -7.78 12.34 -23.64
CA THR B 9 -8.38 13.65 -23.39
C THR B 9 -8.25 13.99 -21.91
N LEU B 10 -9.15 13.40 -21.09
CA LEU B 10 -9.22 13.62 -19.65
C LEU B 10 -9.00 12.29 -18.94
N VAL B 11 -8.06 12.26 -18.00
CA VAL B 11 -7.72 11.03 -17.28
C VAL B 11 -8.04 11.22 -15.81
N PRO B 12 -9.11 10.59 -15.30
CA PRO B 12 -9.43 10.65 -13.87
C PRO B 12 -8.24 10.26 -12.98
N LEU B 13 -7.98 11.08 -11.95
CA LEU B 13 -7.00 10.76 -10.92
C LEU B 13 -7.73 10.66 -9.58
N THR B 14 -8.11 9.44 -9.20
CA THR B 14 -9.10 9.22 -8.14
C THR B 14 -8.47 8.77 -6.83
N LYS B 15 -7.16 8.49 -6.83
CA LYS B 15 -6.49 8.02 -5.63
C LYS B 15 -6.37 9.17 -4.63
N ARG B 16 -6.59 8.89 -3.35
CA ARG B 16 -6.62 9.93 -2.32
C ARG B 16 -5.77 9.52 -1.11
N VAL B 17 -5.10 10.51 -0.52
CA VAL B 17 -4.22 10.29 0.61
C VAL B 17 -4.69 11.16 1.76
N ASN B 18 -4.86 10.54 2.93
CA ASN B 18 -4.98 11.22 4.19
C ASN B 18 -3.56 11.52 4.67
N VAL B 19 -3.09 12.74 4.36
CA VAL B 19 -1.66 13.04 4.43
C VAL B 19 -1.23 13.14 5.90
N GLN B 20 -2.16 13.48 6.80
CA GLN B 20 -1.82 13.62 8.21
C GLN B 20 -1.65 12.26 8.88
N ALA B 21 -2.42 11.26 8.44
CA ALA B 21 -2.54 10.01 9.17
C ALA B 21 -1.96 8.83 8.40
N ASP B 22 -1.55 9.04 7.13
CA ASP B 22 -1.05 7.95 6.31
C ASP B 22 0.06 8.45 5.39
N THR B 23 1.00 7.55 5.09
CA THR B 23 1.94 7.73 4.00
C THR B 23 1.18 7.58 2.69
N ALA B 24 1.70 8.23 1.64
CA ALA B 24 1.25 7.99 0.28
C ALA B 24 2.02 6.80 -0.29
N ARG B 25 1.28 5.82 -0.83
CA ARG B 25 1.85 4.74 -1.59
C ARG B 25 2.37 5.33 -2.91
N LEU B 26 3.41 4.72 -3.48
CA LEU B 26 4.01 5.21 -4.71
C LEU B 26 2.95 5.37 -5.80
N ASP B 27 2.00 4.44 -5.85
CA ASP B 27 0.97 4.42 -6.89
C ASP B 27 -0.05 5.54 -6.70
N GLN B 28 -0.01 6.24 -5.56
CA GLN B 28 -0.92 7.35 -5.30
C GLN B 28 -0.28 8.70 -5.68
N ILE B 29 1.04 8.70 -5.90
CA ILE B 29 1.75 9.94 -6.18
C ILE B 29 1.51 10.33 -7.64
N ILE B 30 1.22 11.61 -7.86
CA ILE B 30 0.92 12.14 -9.18
C ILE B 30 2.13 12.95 -9.66
N ASP B 31 2.76 12.49 -10.74
CA ASP B 31 3.80 13.22 -11.43
C ASP B 31 4.99 13.45 -10.49
N GLY B 32 5.20 12.48 -9.59
CA GLY B 32 6.36 12.45 -8.71
C GLY B 32 6.35 13.48 -7.60
N CYS B 33 5.32 14.34 -7.48
CA CYS B 33 5.40 15.46 -6.55
C CYS B 33 4.08 15.85 -5.90
N TRP B 34 2.97 15.17 -6.24
CA TRP B 34 1.65 15.50 -5.70
C TRP B 34 0.97 14.26 -5.15
N VAL B 35 0.11 14.48 -4.13
CA VAL B 35 -0.96 13.56 -3.80
C VAL B 35 -2.27 14.36 -3.79
N ALA B 36 -3.39 13.66 -3.96
CA ALA B 36 -4.70 14.31 -4.00
C ALA B 36 -5.48 14.03 -2.72
N VAL B 37 -6.29 15.01 -2.33
CA VAL B 37 -7.11 14.96 -1.13
C VAL B 37 -8.53 15.38 -1.51
N GLY B 38 -9.53 14.85 -0.78
CA GLY B 38 -10.92 15.22 -1.00
C GLY B 38 -11.71 14.13 -1.72
N THR B 39 -12.89 14.50 -2.22
CA THR B 39 -13.82 13.56 -2.85
C THR B 39 -13.12 12.86 -4.01
N ASN B 40 -13.40 11.56 -4.19
CA ASN B 40 -12.66 10.73 -5.13
C ASN B 40 -13.49 10.40 -6.36
N LYS B 41 -14.53 11.19 -6.63
CA LYS B 41 -15.31 11.06 -7.86
C LYS B 41 -14.38 11.16 -9.07
N LYS B 42 -14.67 10.40 -10.13
CA LYS B 42 -13.84 10.39 -11.32
C LYS B 42 -13.62 11.81 -11.83
N HIS B 43 -14.70 12.61 -11.83
CA HIS B 43 -14.68 13.94 -12.41
C HIS B 43 -14.00 14.96 -11.52
N ALA B 44 -13.73 14.61 -10.26
CA ALA B 44 -13.24 15.58 -9.28
C ALA B 44 -11.87 16.14 -9.70
N ILE B 45 -10.97 15.24 -10.11
CA ILE B 45 -9.61 15.61 -10.54
C ILE B 45 -9.22 14.76 -11.74
N GLN B 46 -8.80 15.42 -12.84
CA GLN B 46 -8.38 14.72 -14.04
C GLN B 46 -7.17 15.42 -14.68
N ARG B 47 -6.22 14.62 -15.15
CA ARG B 47 -5.15 15.12 -16.00
C ARG B 47 -5.76 15.51 -17.34
N ASP B 48 -5.45 16.72 -17.81
CA ASP B 48 -6.14 17.33 -18.93
C ASP B 48 -5.14 17.56 -20.07
N PHE B 49 -5.24 16.72 -21.10
CA PHE B 49 -4.41 16.84 -22.30
C PHE B 49 -5.03 17.81 -23.29
N THR B 50 -6.23 18.34 -22.99
CA THR B 50 -6.91 19.25 -23.90
C THR B 50 -6.64 20.70 -23.48
N ARG B 51 -5.98 20.90 -22.33
CA ARG B 51 -5.65 22.23 -21.86
C ARG B 51 -4.20 22.25 -21.37
N LEU B 52 -3.26 22.30 -22.32
CA LEU B 52 -1.85 22.16 -22.02
C LEU B 52 -1.32 23.47 -21.45
N PHE B 53 -0.28 23.36 -20.59
CA PHE B 53 0.45 24.53 -20.14
C PHE B 53 1.94 24.18 -20.11
N ALA B 54 2.74 25.04 -20.77
CA ALA B 54 4.18 24.85 -20.91
C ALA B 54 4.49 23.45 -21.45
N GLY B 55 3.67 23.02 -22.42
CA GLY B 55 3.90 21.78 -23.12
C GLY B 55 3.56 20.54 -22.29
N LYS B 56 2.87 20.72 -21.16
CA LYS B 56 2.49 19.62 -20.29
C LYS B 56 0.99 19.62 -20.02
N PRO B 57 0.38 18.45 -19.71
CA PRO B 57 -1.01 18.39 -19.27
C PRO B 57 -1.20 19.24 -18.02
N SER B 58 -2.37 19.88 -17.91
CA SER B 58 -2.76 20.56 -16.69
C SER B 58 -3.67 19.64 -15.88
N TYR B 59 -4.18 20.15 -14.77
CA TYR B 59 -5.10 19.40 -13.94
C TYR B 59 -6.43 20.12 -13.91
N ARG B 60 -7.49 19.40 -14.29
CA ARG B 60 -8.83 19.92 -14.29
C ARG B 60 -9.51 19.48 -12.99
N PHE B 61 -10.04 20.46 -12.26
CA PHE B 61 -10.73 20.21 -11.01
C PHE B 61 -12.21 20.55 -11.20
N GLU B 62 -13.08 19.69 -10.65
CA GLU B 62 -14.51 19.89 -10.79
C GLU B 62 -15.27 19.40 -9.57
N LEU B 63 -16.04 20.31 -8.95
CA LEU B 63 -17.02 19.93 -7.94
C LEU B 63 -18.40 20.34 -8.44
N ARG B 64 -19.27 19.35 -8.63
CA ARG B 64 -20.66 19.59 -8.99
C ARG B 64 -21.44 19.98 -7.73
N LYS B 65 -22.70 20.35 -7.92
CA LYS B 65 -23.56 20.81 -6.85
C LYS B 65 -23.56 19.83 -5.67
N GLU B 66 -23.61 18.53 -5.97
CA GLU B 66 -23.78 17.51 -4.95
C GLU B 66 -22.47 17.08 -4.30
N ASP B 67 -21.36 17.77 -4.57
CA ASP B 67 -20.03 17.24 -4.26
C ASP B 67 -19.45 17.79 -2.95
N ASN B 68 -20.23 18.52 -2.15
CA ASN B 68 -19.79 18.83 -0.79
C ASN B 68 -19.89 17.57 0.07
N THR B 69 -18.75 17.02 0.49
CA THR B 69 -18.71 15.80 1.28
C THR B 69 -18.20 16.07 2.70
N LEU B 70 -17.93 17.34 3.04
CA LEU B 70 -17.33 17.67 4.31
C LEU B 70 -18.28 18.57 5.10
N GLU B 71 -18.00 18.72 6.40
CA GLU B 71 -18.78 19.62 7.24
C GLU B 71 -17.99 20.89 7.53
N GLY B 72 -18.69 22.03 7.45
CA GLY B 72 -18.16 23.32 7.87
C GLY B 72 -18.36 23.51 9.37
N TYR B 73 -17.94 24.69 9.86
CA TYR B 73 -17.87 24.94 11.29
C TYR B 73 -19.28 25.11 11.86
N GLY B 74 -20.15 25.89 11.18
CA GLY B 74 -21.49 26.12 11.64
C GLY B 74 -22.39 24.88 11.48
N LYS B 75 -23.55 24.90 12.14
CA LYS B 75 -24.45 23.76 12.16
C LYS B 75 -25.15 23.66 10.81
N GLY B 76 -25.21 22.43 10.29
CA GLY B 76 -25.84 22.15 9.02
C GLY B 76 -25.01 22.61 7.82
N GLU B 77 -23.78 23.10 8.05
CA GLU B 77 -22.99 23.67 6.98
C GLU B 77 -22.09 22.60 6.36
N THR B 78 -21.88 22.71 5.04
CA THR B 78 -21.06 21.74 4.32
C THR B 78 -20.04 22.48 3.48
N LYS B 79 -19.03 21.72 3.03
CA LYS B 79 -17.99 22.25 2.18
C LYS B 79 -17.45 21.12 1.31
N GLY B 80 -16.75 21.49 0.24
CA GLY B 80 -16.27 20.51 -0.73
C GLY B 80 -14.77 20.70 -0.94
N ARG B 81 -14.08 19.59 -1.26
CA ARG B 81 -12.64 19.59 -1.43
C ARG B 81 -12.26 18.63 -2.53
N ALA B 82 -11.50 19.15 -3.50
CA ALA B 82 -10.71 18.32 -4.40
C ALA B 82 -9.44 19.11 -4.72
N GLU B 83 -8.33 18.70 -4.11
CA GLU B 83 -7.10 19.47 -4.13
C GLU B 83 -5.91 18.52 -4.29
N PHE B 84 -4.78 19.13 -4.69
CA PHE B 84 -3.47 18.49 -4.66
C PHE B 84 -2.69 19.07 -3.48
N SER B 85 -1.98 18.19 -2.76
CA SER B 85 -1.05 18.62 -1.73
C SER B 85 0.40 18.36 -2.17
N TYR B 86 1.25 19.38 -1.98
CA TYR B 86 2.68 19.25 -2.27
C TYR B 86 3.41 18.60 -1.11
N CYS B 87 2.74 18.46 0.05
CA CYS B 87 3.32 17.89 1.24
C CYS B 87 2.67 16.55 1.58
N TYR B 88 3.50 15.51 1.75
CA TYR B 88 3.07 14.18 2.12
C TYR B 88 4.31 13.34 2.44
N ALA B 89 4.12 12.29 3.25
CA ALA B 89 5.20 11.37 3.56
C ALA B 89 5.01 10.08 2.79
N THR B 90 6.11 9.35 2.56
CA THR B 90 6.11 8.06 1.89
C THR B 90 6.72 7.01 2.81
N SER B 91 6.61 5.75 2.41
CA SER B 91 7.34 4.65 3.04
C SER B 91 8.81 5.01 3.27
N ALA B 92 9.45 5.60 2.26
CA ALA B 92 10.87 5.91 2.31
C ALA B 92 11.19 6.90 3.44
N ASP B 93 10.26 7.80 3.77
CA ASP B 93 10.48 8.77 4.83
C ASP B 93 10.60 8.08 6.20
N PHE B 94 10.01 6.89 6.35
CA PHE B 94 10.01 6.15 7.60
C PHE B 94 11.07 5.03 7.58
N LYS B 95 11.70 4.82 6.43
CA LYS B 95 12.73 3.80 6.29
C LYS B 95 13.87 4.11 7.25
N GLY B 96 14.24 3.13 8.07
CA GLY B 96 15.35 3.26 9.02
C GLY B 96 14.92 3.74 10.41
N LEU B 97 13.71 4.32 10.54
CA LEU B 97 13.21 4.78 11.82
C LEU B 97 12.79 3.58 12.68
N PRO B 98 12.64 3.77 14.02
CA PRO B 98 12.06 2.73 14.88
C PRO B 98 10.72 2.25 14.32
N ALA B 99 10.45 0.96 14.51
CA ALA B 99 9.33 0.31 13.83
C ALA B 99 8.01 0.97 14.20
N ASP B 100 7.91 1.42 15.46
CA ASP B 100 6.64 1.93 15.98
C ASP B 100 6.46 3.40 15.64
N ALA B 101 7.42 4.01 14.93
CA ALA B 101 7.37 5.45 14.65
C ALA B 101 6.14 5.81 13.81
N TYR B 102 5.81 4.93 12.86
CA TYR B 102 4.73 5.18 11.92
C TYR B 102 3.39 5.10 12.64
N ARG B 103 3.18 4.03 13.41
CA ARG B 103 1.96 3.84 14.17
C ARG B 103 1.68 5.08 15.02
N LYS B 104 2.71 5.61 15.70
CA LYS B 104 2.54 6.75 16.56
C LYS B 104 2.24 8.01 15.75
N ALA B 105 2.84 8.12 14.56
CA ALA B 105 2.57 9.23 13.66
C ALA B 105 1.12 9.21 13.16
N GLN B 106 0.57 8.01 12.94
CA GLN B 106 -0.80 7.88 12.46
C GLN B 106 -1.77 8.35 13.54
N ILE B 107 -1.51 7.99 14.79
CA ILE B 107 -2.41 8.32 15.90
C ILE B 107 -2.36 9.83 16.15
N THR B 108 -1.15 10.41 16.14
CA THR B 108 -0.99 11.83 16.45
C THR B 108 -1.36 12.70 15.25
N LYS B 109 -1.48 12.10 14.06
CA LYS B 109 -1.75 12.84 12.83
C LYS B 109 -0.56 13.71 12.47
N THR B 110 0.64 13.11 12.48
CA THR B 110 1.89 13.82 12.22
C THR B 110 2.68 13.12 11.12
N VAL B 111 2.04 12.25 10.33
CA VAL B 111 2.76 11.51 9.30
C VAL B 111 3.43 12.49 8.34
N TYR B 112 2.68 13.49 7.87
CA TYR B 112 3.17 14.44 6.89
C TYR B 112 4.30 15.32 7.44
N HIS B 113 4.52 15.31 8.76
CA HIS B 113 5.67 16.00 9.34
C HIS B 113 6.98 15.42 8.82
N HIS B 114 6.97 14.13 8.43
CA HIS B 114 8.15 13.41 8.00
C HIS B 114 8.40 13.54 6.50
N GLY B 115 7.54 14.26 5.78
CA GLY B 115 7.58 14.27 4.33
C GLY B 115 8.24 15.53 3.77
N LYS B 116 8.29 15.60 2.42
CA LYS B 116 8.80 16.75 1.71
C LYS B 116 7.71 17.82 1.61
N GLY B 117 8.12 19.03 1.24
CA GLY B 117 7.19 20.07 0.83
C GLY B 117 6.82 21.03 1.97
N ILE B 118 7.51 20.95 3.11
CA ILE B 118 7.22 21.87 4.21
C ILE B 118 8.19 23.04 4.15
N CYS B 119 7.65 24.26 4.10
CA CYS B 119 8.44 25.45 4.34
C CYS B 119 8.49 25.72 5.83
N PRO B 120 9.66 25.67 6.51
CA PRO B 120 9.71 25.85 7.95
C PRO B 120 9.22 27.21 8.46
N GLN B 121 8.88 27.25 9.74
CA GLN B 121 8.55 28.49 10.43
C GLN B 121 9.63 29.53 10.13
N GLY B 122 9.20 30.73 9.73
CA GLY B 122 10.08 31.89 9.63
C GLY B 122 11.04 31.82 8.45
N VAL B 123 10.86 30.88 7.52
CA VAL B 123 11.77 30.71 6.40
C VAL B 123 11.08 31.20 5.14
N SER B 124 11.67 32.21 4.48
CA SER B 124 11.13 32.75 3.24
C SER B 124 11.15 31.69 2.15
N ARG B 125 10.17 31.78 1.24
CA ARG B 125 10.13 30.91 0.07
C ARG B 125 9.37 31.60 -1.06
N ASP B 126 9.75 31.26 -2.29
CA ASP B 126 9.08 31.75 -3.49
C ASP B 126 8.28 30.63 -4.12
N TYR B 127 7.13 31.01 -4.71
CA TYR B 127 6.22 30.06 -5.29
C TYR B 127 5.73 30.62 -6.63
N GLU B 128 5.34 29.70 -7.52
CA GLU B 128 4.71 30.08 -8.78
C GLU B 128 3.70 29.02 -9.17
N PHE B 129 2.58 29.44 -9.76
CA PHE B 129 1.58 28.54 -10.29
C PHE B 129 0.68 29.31 -11.26
N SER B 130 -0.07 28.57 -12.09
CA SER B 130 -0.95 29.17 -13.07
C SER B 130 -2.35 28.58 -12.97
N VAL B 131 -3.35 29.41 -13.25
CA VAL B 131 -4.75 29.01 -13.18
C VAL B 131 -5.43 29.39 -14.50
N TYR B 132 -6.43 28.60 -14.89
CA TYR B 132 -7.19 28.80 -16.11
C TYR B 132 -8.67 28.75 -15.75
N ILE B 133 -9.34 29.91 -15.80
CA ILE B 133 -10.73 30.06 -15.41
C ILE B 133 -11.59 30.08 -16.67
N PRO B 134 -12.39 29.03 -16.94
CA PRO B 134 -13.32 29.08 -18.06
C PRO B 134 -14.36 30.20 -17.92
N SER B 135 -14.82 30.71 -19.07
CA SER B 135 -15.95 31.62 -19.15
C SER B 135 -17.18 31.06 -18.43
N ALA B 136 -17.26 29.73 -18.36
CA ALA B 136 -18.40 29.04 -17.78
C ALA B 136 -18.46 29.22 -16.26
N LEU B 137 -17.35 29.58 -15.61
CA LEU B 137 -17.34 29.64 -14.16
C LEU B 137 -18.30 30.74 -13.69
N ASP B 138 -19.21 30.36 -12.79
CA ASP B 138 -20.25 31.28 -12.33
C ASP B 138 -19.62 32.34 -11.43
N SER B 139 -20.11 33.58 -11.53
CA SER B 139 -19.54 34.71 -10.79
C SER B 139 -19.80 34.64 -9.29
N ASN B 140 -20.72 33.77 -8.83
CA ASN B 140 -21.02 33.69 -7.40
C ASN B 140 -20.41 32.44 -6.79
N VAL B 141 -19.37 31.88 -7.44
CA VAL B 141 -18.66 30.76 -6.85
C VAL B 141 -18.00 31.25 -5.57
N SER B 142 -17.73 30.28 -4.70
CA SER B 142 -17.13 30.53 -3.40
C SER B 142 -16.08 29.44 -3.19
N THR B 143 -14.85 29.70 -3.67
CA THR B 143 -13.85 28.66 -3.79
C THR B 143 -12.44 29.24 -3.64
N ILE B 144 -11.61 28.50 -2.89
CA ILE B 144 -10.19 28.74 -2.80
C ILE B 144 -9.48 27.81 -3.78
N PHE B 145 -8.67 28.39 -4.69
CA PHE B 145 -8.02 27.60 -5.73
C PHE B 145 -6.54 27.38 -5.44
N ALA B 146 -5.99 28.10 -4.45
CA ALA B 146 -4.62 27.90 -4.02
C ALA B 146 -4.48 28.40 -2.59
N GLN B 147 -3.84 27.60 -1.74
CA GLN B 147 -3.71 27.99 -0.35
C GLN B 147 -2.41 27.47 0.21
N TRP B 148 -1.92 28.20 1.21
CA TRP B 148 -0.77 27.82 1.99
C TRP B 148 -1.27 27.45 3.39
N HIS B 149 -1.11 26.17 3.73
CA HIS B 149 -1.79 25.56 4.87
C HIS B 149 -0.79 25.36 5.99
N GLY B 150 -1.23 25.62 7.23
CA GLY B 150 -0.38 25.43 8.40
C GLY B 150 -0.41 23.99 8.91
N MET B 151 0.36 23.73 9.96
CA MET B 151 0.57 22.39 10.47
C MET B 151 0.49 22.46 11.99
N PRO B 152 -0.72 22.22 12.56
CA PRO B 152 -0.95 22.30 14.00
C PRO B 152 -0.04 21.44 14.86
N ASP B 153 0.14 21.87 16.11
CA ASP B 153 0.86 21.09 17.11
C ASP B 153 -0.07 19.99 17.61
N ARG B 154 0.30 18.73 17.33
CA ARG B 154 -0.61 17.62 17.43
C ARG B 154 -0.72 17.03 18.84
N THR B 155 0.18 17.39 19.78
CA THR B 155 0.03 16.97 21.16
C THR B 155 -0.24 18.18 22.06
N LEU B 156 -0.64 19.30 21.46
CA LEU B 156 -1.05 20.48 22.20
C LEU B 156 -2.55 20.38 22.47
N VAL B 157 -2.92 20.33 23.76
CA VAL B 157 -4.28 20.01 24.14
C VAL B 157 -4.79 21.04 25.15
N GLN B 158 -6.11 21.03 25.37
CA GLN B 158 -6.71 21.77 26.46
C GLN B 158 -7.56 20.79 27.28
N THR B 159 -7.39 20.83 28.61
CA THR B 159 -8.14 19.97 29.50
C THR B 159 -9.58 20.48 29.61
N PRO B 160 -10.52 19.64 30.05
CA PRO B 160 -11.87 20.10 30.42
C PRO B 160 -11.88 21.31 31.33
N GLU B 161 -10.89 21.40 32.23
CA GLU B 161 -10.81 22.44 33.24
C GLU B 161 -10.20 23.73 32.65
N GLY B 162 -9.62 23.64 31.44
CA GLY B 162 -9.26 24.82 30.68
C GLY B 162 -7.76 25.12 30.65
N GLU B 163 -6.92 24.16 31.06
CA GLU B 163 -5.47 24.34 30.98
C GLU B 163 -4.96 23.94 29.60
N VAL B 164 -4.20 24.84 28.96
CA VAL B 164 -3.53 24.57 27.70
C VAL B 164 -2.15 24.00 27.98
N LYS B 165 -1.82 22.85 27.38
CA LYS B 165 -0.55 22.19 27.66
C LYS B 165 -0.16 21.28 26.51
N LYS B 166 1.16 21.19 26.26
CA LYS B 166 1.69 20.26 25.29
C LYS B 166 2.21 19.03 26.02
N LEU B 167 1.75 17.85 25.60
CA LEU B 167 2.14 16.59 26.19
C LEU B 167 3.25 15.94 25.38
N THR B 168 3.98 15.02 26.03
CA THR B 168 4.82 14.08 25.30
C THR B 168 3.92 13.23 24.42
N VAL B 169 4.53 12.59 23.43
CA VAL B 169 3.83 11.68 22.55
C VAL B 169 3.25 10.54 23.39
N ASP B 170 4.06 9.97 24.29
CA ASP B 170 3.62 8.83 25.09
C ASP B 170 2.40 9.19 25.94
N GLU B 171 2.41 10.41 26.51
CA GLU B 171 1.30 10.89 27.31
C GLU B 171 0.07 11.12 26.43
N PHE B 172 0.30 11.60 25.21
CA PHE B 172 -0.80 11.84 24.28
C PHE B 172 -1.39 10.50 23.87
N LEU B 173 -0.54 9.50 23.64
CA LEU B 173 -1.02 8.16 23.31
C LEU B 173 -1.89 7.60 24.44
N GLU B 174 -1.58 7.93 25.70
CA GLU B 174 -2.38 7.47 26.83
C GLU B 174 -3.76 8.09 26.80
N LEU B 175 -3.81 9.41 26.61
CA LEU B 175 -5.05 10.16 26.48
C LEU B 175 -5.92 9.56 25.37
N ASP B 176 -5.27 9.19 24.26
CA ASP B 176 -5.94 8.69 23.06
C ASP B 176 -6.63 7.35 23.32
N LYS B 177 -6.30 6.68 24.43
CA LYS B 177 -6.91 5.40 24.76
C LYS B 177 -8.38 5.58 25.13
N THR B 178 -8.75 6.73 25.70
CA THR B 178 -10.09 6.97 26.20
C THR B 178 -10.73 8.19 25.55
N THR B 179 -9.95 9.01 24.83
CA THR B 179 -10.50 10.14 24.10
C THR B 179 -10.31 9.91 22.60
N ILE B 180 -11.36 10.23 21.83
CA ILE B 180 -11.28 10.37 20.40
C ILE B 180 -11.59 11.82 20.06
N PHE B 181 -10.77 12.40 19.18
CA PHE B 181 -10.95 13.77 18.73
C PHE B 181 -11.61 13.76 17.36
N LYS B 182 -12.72 14.49 17.24
CA LYS B 182 -13.33 14.80 15.96
C LYS B 182 -12.96 16.23 15.63
N LYS B 183 -12.08 16.39 14.63
CA LYS B 183 -11.41 17.66 14.40
C LYS B 183 -10.66 18.02 15.68
N ASN B 184 -11.00 19.14 16.32
CA ASN B 184 -10.29 19.62 17.50
C ASN B 184 -10.96 19.15 18.80
N THR B 185 -12.16 18.55 18.70
CA THR B 185 -13.06 18.38 19.85
C THR B 185 -12.97 16.96 20.41
N GLY B 186 -12.70 16.87 21.71
CA GLY B 186 -12.56 15.58 22.36
C GLY B 186 -13.93 14.97 22.72
N HIS B 187 -14.04 13.65 22.53
CA HIS B 187 -15.21 12.90 22.94
C HIS B 187 -14.76 11.63 23.67
N GLU B 188 -15.63 11.09 24.52
CA GLU B 188 -15.40 9.78 25.10
C GLU B 188 -15.30 8.77 23.96
N LYS B 189 -14.25 7.95 23.98
CA LYS B 189 -14.07 6.95 22.95
C LYS B 189 -14.96 5.75 23.27
N VAL B 190 -15.74 5.31 22.27
CA VAL B 190 -16.62 4.16 22.39
C VAL B 190 -16.50 3.31 21.12
N ALA B 191 -17.19 2.16 21.10
CA ALA B 191 -17.24 1.27 19.96
C ALA B 191 -18.61 1.34 19.30
N LYS B 192 -18.62 1.28 17.96
CA LYS B 192 -19.83 1.46 17.17
C LYS B 192 -20.59 0.13 17.06
N LEU B 193 -21.91 0.22 16.96
CA LEU B 193 -22.79 -0.93 16.81
C LEU B 193 -23.45 -0.89 15.43
N ASP B 194 -23.90 -2.05 14.96
CA ASP B 194 -24.77 -2.13 13.79
C ASP B 194 -26.20 -1.75 14.20
N LYS B 195 -27.14 -1.83 13.25
CA LYS B 195 -28.52 -1.46 13.50
C LYS B 195 -29.22 -2.46 14.41
N GLN B 196 -28.61 -3.63 14.64
CA GLN B 196 -29.17 -4.63 15.54
C GLN B 196 -28.68 -4.44 16.97
N GLY B 197 -27.70 -3.55 17.19
CA GLY B 197 -27.12 -3.33 18.50
C GLY B 197 -25.98 -4.32 18.80
N ASN B 198 -25.35 -4.84 17.74
CA ASN B 198 -24.22 -5.76 17.89
C ASN B 198 -22.95 -5.05 17.42
N PRO B 199 -21.80 -5.25 18.10
CA PRO B 199 -20.59 -4.48 17.80
C PRO B 199 -20.10 -4.72 16.38
N LEU B 200 -19.69 -3.65 15.70
CA LEU B 200 -19.06 -3.75 14.38
C LEU B 200 -17.63 -4.22 14.58
N LYS B 201 -17.15 -5.05 13.65
CA LYS B 201 -15.76 -5.48 13.58
C LYS B 201 -15.18 -5.08 12.22
N ASP B 202 -13.98 -4.48 12.23
CA ASP B 202 -13.31 -4.07 11.01
C ASP B 202 -12.69 -5.29 10.32
N LYS B 203 -11.89 -5.05 9.27
CA LYS B 203 -11.30 -6.13 8.48
C LYS B 203 -10.34 -6.98 9.32
N LYS B 204 -9.79 -6.39 10.40
CA LYS B 204 -8.82 -7.05 11.25
C LYS B 204 -9.51 -7.75 12.43
N GLY B 205 -10.83 -7.61 12.56
CA GLY B 205 -11.58 -8.18 13.66
C GLY B 205 -11.58 -7.27 14.89
N ASN B 206 -11.18 -6.01 14.71
CA ASN B 206 -11.10 -5.05 15.80
C ASN B 206 -12.39 -4.24 15.88
N PRO B 207 -12.69 -3.61 17.05
CA PRO B 207 -13.80 -2.67 17.16
C PRO B 207 -13.61 -1.46 16.25
N VAL B 208 -14.74 -0.90 15.81
CA VAL B 208 -14.76 0.37 15.10
C VAL B 208 -15.02 1.46 16.13
N TYR B 209 -14.04 2.34 16.35
CA TYR B 209 -14.14 3.38 17.36
C TYR B 209 -15.05 4.51 16.85
N LYS B 210 -15.71 5.17 17.80
CA LYS B 210 -16.71 6.20 17.52
C LYS B 210 -16.63 7.26 18.62
N ALA B 211 -17.06 8.48 18.28
CA ALA B 211 -17.17 9.57 19.24
C ALA B 211 -18.46 9.42 20.06
N GLY B 212 -18.30 9.25 21.38
CA GLY B 212 -19.39 9.39 22.34
C GLY B 212 -19.67 10.87 22.63
N LYS B 213 -20.12 11.18 23.85
CA LYS B 213 -20.40 12.56 24.22
C LYS B 213 -19.09 13.34 24.29
N LYS B 214 -19.19 14.67 24.11
CA LYS B 214 -18.05 15.56 24.28
C LYS B 214 -17.60 15.45 25.73
N ASN B 215 -16.28 15.47 25.93
CA ASN B 215 -15.72 15.24 27.25
C ASN B 215 -14.90 16.44 27.71
N GLY B 216 -14.91 17.53 26.94
CA GLY B 216 -14.29 18.78 27.36
C GLY B 216 -12.85 18.97 26.84
N TRP B 217 -12.19 17.89 26.39
CA TRP B 217 -10.86 17.97 25.84
C TRP B 217 -10.88 18.65 24.47
N LEU B 218 -9.80 19.40 24.18
CA LEU B 218 -9.53 19.92 22.84
C LEU B 218 -8.11 19.50 22.46
N VAL B 219 -7.86 19.47 21.15
CA VAL B 219 -6.52 19.34 20.60
C VAL B 219 -6.38 20.37 19.49
N GLU B 220 -5.14 20.79 19.21
CA GLU B 220 -4.94 21.74 18.13
C GLU B 220 -5.22 21.05 16.80
N GLN B 221 -6.06 21.69 15.98
CA GLN B 221 -6.49 21.14 14.71
C GLN B 221 -7.12 22.24 13.87
N GLY B 222 -7.00 22.10 12.54
CA GLY B 222 -7.63 23.00 11.58
C GLY B 222 -7.06 24.41 11.69
N GLY B 223 -7.93 25.41 11.50
CA GLY B 223 -7.53 26.80 11.42
C GLY B 223 -7.56 27.31 9.97
N TYR B 224 -7.74 28.63 9.82
CA TYR B 224 -7.68 29.27 8.52
C TYR B 224 -6.30 29.09 7.88
N PRO B 225 -6.23 29.05 6.54
CA PRO B 225 -4.95 29.00 5.84
C PRO B 225 -4.25 30.35 5.96
N PRO B 226 -2.95 30.37 6.32
CA PRO B 226 -2.16 31.59 6.25
C PRO B 226 -2.28 32.41 4.96
N LEU B 227 -2.41 31.72 3.82
CA LEU B 227 -2.58 32.43 2.56
C LEU B 227 -3.55 31.66 1.68
N ALA B 228 -4.50 32.40 1.08
CA ALA B 228 -5.50 31.80 0.21
C ALA B 228 -5.75 32.70 -1.00
N PHE B 229 -5.81 32.07 -2.19
CA PHE B 229 -6.24 32.73 -3.41
C PHE B 229 -7.60 32.14 -3.76
N GLY B 230 -8.59 32.98 -4.04
CA GLY B 230 -9.90 32.44 -4.33
C GLY B 230 -10.90 33.45 -4.89
N PHE B 231 -12.16 32.99 -4.98
CA PHE B 231 -13.28 33.80 -5.42
C PHE B 231 -14.38 33.72 -4.36
N SER B 232 -15.03 34.87 -4.13
CA SER B 232 -16.07 34.96 -3.13
C SER B 232 -16.86 36.25 -3.33
N GLY B 233 -18.20 36.13 -3.36
CA GLY B 233 -19.09 37.28 -3.43
C GLY B 233 -18.86 38.15 -4.68
N GLY B 234 -18.35 37.55 -5.76
CA GLY B 234 -18.11 38.27 -7.00
C GLY B 234 -16.74 38.95 -7.03
N TRP B 235 -15.79 38.43 -6.24
CA TRP B 235 -14.46 39.01 -6.14
C TRP B 235 -13.40 37.91 -6.19
N PHE B 236 -12.38 38.11 -7.04
CA PHE B 236 -11.10 37.45 -6.87
C PHE B 236 -10.41 38.14 -5.69
N TYR B 237 -9.77 37.35 -4.82
CA TYR B 237 -9.11 37.93 -3.66
C TYR B 237 -7.85 37.13 -3.34
N ILE B 238 -6.93 37.83 -2.66
CA ILE B 238 -5.84 37.20 -1.94
C ILE B 238 -5.98 37.59 -0.48
N LYS B 239 -6.03 36.57 0.39
CA LYS B 239 -6.29 36.75 1.80
C LYS B 239 -5.15 36.14 2.60
N ALA B 240 -4.60 36.92 3.55
CA ALA B 240 -3.56 36.47 4.46
C ALA B 240 -4.10 36.40 5.88
N ASN B 241 -3.78 35.31 6.60
CA ASN B 241 -4.21 35.14 7.97
C ASN B 241 -3.01 34.93 8.88
N SER B 242 -3.13 35.43 10.12
CA SER B 242 -2.14 35.23 11.16
C SER B 242 -2.83 34.82 12.46
N ASP B 243 -2.15 33.96 13.25
CA ASP B 243 -2.67 33.46 14.52
C ASP B 243 -1.49 33.26 15.47
N ARG B 244 -1.40 34.11 16.48
CA ARG B 244 -0.27 34.11 17.39
C ARG B 244 -0.56 33.29 18.65
N ARG B 245 -1.82 32.86 18.84
CA ARG B 245 -2.19 32.06 19.99
C ARG B 245 -1.48 30.71 19.88
N TRP B 246 -0.95 30.23 21.01
CA TRP B 246 -0.20 28.99 21.00
C TRP B 246 -1.11 27.86 20.54
N LEU B 247 -2.28 27.76 21.21
CA LEU B 247 -3.37 26.92 20.79
C LEU B 247 -4.41 27.77 20.06
N THR B 248 -4.55 27.54 18.75
CA THR B 248 -5.56 28.21 17.96
C THR B 248 -6.93 28.01 18.60
N ASP B 249 -7.62 29.14 18.83
CA ASP B 249 -9.02 29.14 19.25
C ASP B 249 -9.92 29.18 18.02
N LYS B 250 -10.62 28.07 17.75
CA LYS B 250 -11.45 27.94 16.55
C LYS B 250 -12.74 28.76 16.66
N THR B 251 -13.11 29.14 17.88
CA THR B 251 -14.33 29.92 18.09
C THR B 251 -14.09 31.37 17.68
N ASP B 252 -12.83 31.77 17.52
CA ASP B 252 -12.49 33.13 17.11
C ASP B 252 -12.54 33.23 15.59
N ARG B 253 -13.71 33.63 15.06
CA ARG B 253 -13.96 33.57 13.63
C ARG B 253 -13.47 34.86 12.95
N CYS B 254 -12.20 35.20 13.19
CA CYS B 254 -11.58 36.39 12.65
C CYS B 254 -11.23 36.17 11.19
N ASN B 255 -12.06 36.70 10.28
CA ASN B 255 -11.89 36.46 8.86
C ASN B 255 -12.36 37.69 8.10
N ALA B 256 -11.56 38.10 7.10
CA ALA B 256 -11.90 39.24 6.29
C ALA B 256 -12.76 38.78 5.12
N SER B 257 -13.69 39.65 4.72
CA SER B 257 -14.51 39.42 3.55
C SER B 257 -13.95 40.19 2.36
N PRO B 258 -13.66 39.51 1.22
CA PRO B 258 -13.31 40.19 -0.03
C PRO B 258 -14.24 41.34 -0.37
N GLU B 259 -15.54 41.13 -0.16
CA GLU B 259 -16.55 42.07 -0.60
C GLU B 259 -16.29 43.42 0.07
N LYS B 260 -16.51 43.47 1.38
CA LYS B 260 -16.64 44.74 2.05
C LYS B 260 -15.33 45.20 2.67
N THR B 261 -14.38 44.29 2.91
CA THR B 261 -13.14 44.66 3.58
C THR B 261 -12.22 45.39 2.60
N PRO B 262 -11.77 46.62 2.95
CA PRO B 262 -10.81 47.35 2.12
C PRO B 262 -9.45 46.65 2.17
N VAL B 263 -8.67 46.85 1.11
CA VAL B 263 -7.43 46.13 0.92
C VAL B 263 -6.40 46.62 1.94
N MET B 264 -5.62 45.67 2.48
CA MET B 264 -4.51 45.95 3.38
C MET B 264 -4.98 46.64 4.66
N LYS B 265 -6.22 46.35 5.09
CA LYS B 265 -6.75 46.80 6.36
C LYS B 265 -7.23 45.57 7.14
N PRO B 266 -6.37 44.93 7.96
CA PRO B 266 -6.74 43.68 8.62
C PRO B 266 -7.96 43.74 9.52
N VAL B 267 -8.81 42.72 9.39
CA VAL B 267 -9.77 42.39 10.44
C VAL B 267 -9.00 41.66 11.54
N THR B 268 -9.12 42.13 12.79
CA THR B 268 -8.28 41.62 13.88
C THR B 268 -9.12 41.20 15.08
N SER B 269 -8.59 40.23 15.82
CA SER B 269 -9.05 39.90 17.16
C SER B 269 -7.84 40.04 18.08
N LYS B 270 -7.93 39.52 19.31
CA LYS B 270 -6.79 39.59 20.20
C LYS B 270 -5.59 38.87 19.56
N TYR B 271 -5.82 37.68 18.99
CA TYR B 271 -4.74 36.80 18.58
C TYR B 271 -4.63 36.69 17.06
N LYS B 272 -5.71 37.01 16.32
CA LYS B 272 -5.76 36.72 14.89
C LYS B 272 -5.79 38.01 14.08
N SER B 273 -5.47 37.85 12.81
CA SER B 273 -5.49 38.91 11.83
C SER B 273 -5.85 38.28 10.47
N SER B 274 -6.76 38.92 9.75
CA SER B 274 -7.17 38.47 8.43
C SER B 274 -7.13 39.67 7.49
N THR B 275 -6.22 39.65 6.50
CA THR B 275 -6.02 40.79 5.63
C THR B 275 -6.37 40.42 4.18
N ILE B 276 -7.20 41.25 3.54
CA ILE B 276 -7.35 41.19 2.10
C ILE B 276 -6.18 41.95 1.47
N ALA B 277 -5.22 41.22 0.94
CA ALA B 277 -4.01 41.79 0.37
C ALA B 277 -4.30 42.39 -1.01
N TYR B 278 -5.26 41.79 -1.73
CA TYR B 278 -5.67 42.28 -3.03
C TYR B 278 -7.05 41.73 -3.37
N LYS B 279 -7.80 42.50 -4.17
CA LYS B 279 -9.02 42.00 -4.75
C LYS B 279 -9.27 42.65 -6.10
N MET B 280 -10.09 41.99 -6.92
CA MET B 280 -10.49 42.48 -8.21
C MET B 280 -11.88 41.92 -8.50
N PRO B 281 -12.79 42.70 -9.15
CA PRO B 281 -14.12 42.18 -9.46
C PRO B 281 -13.97 40.93 -10.33
N PHE B 282 -14.78 39.91 -10.03
CA PHE B 282 -14.80 38.65 -10.76
C PHE B 282 -14.81 38.89 -12.27
N ALA B 283 -15.58 39.90 -12.71
CA ALA B 283 -15.79 40.16 -14.12
C ALA B 283 -14.50 40.58 -14.80
N ASP B 284 -13.57 41.16 -14.04
CA ASP B 284 -12.31 41.68 -14.56
C ASP B 284 -11.23 40.60 -14.55
N PHE B 285 -11.47 39.48 -13.87
CA PHE B 285 -10.48 38.41 -13.88
C PHE B 285 -10.45 37.84 -15.30
N PRO B 286 -9.25 37.68 -15.93
CA PRO B 286 -9.16 37.14 -17.28
C PRO B 286 -9.71 35.72 -17.33
N LYS B 287 -10.56 35.45 -18.34
CA LYS B 287 -11.15 34.13 -18.55
C LYS B 287 -10.57 33.48 -19.80
N ASP B 288 -10.59 32.14 -19.83
CA ASP B 288 -10.17 31.36 -20.98
C ASP B 288 -8.73 31.67 -21.37
N CYS B 289 -7.87 31.81 -20.37
CA CYS B 289 -6.44 32.01 -20.58
C CYS B 289 -5.73 31.64 -19.29
N TRP B 290 -4.43 31.35 -19.39
CA TRP B 290 -3.61 31.06 -18.23
C TRP B 290 -3.17 32.35 -17.56
N VAL B 291 -3.44 32.42 -16.24
CA VAL B 291 -2.98 33.50 -15.39
C VAL B 291 -1.92 32.95 -14.45
N THR B 292 -0.72 33.53 -14.51
CA THR B 292 0.43 33.04 -13.74
C THR B 292 0.67 33.95 -12.55
N PHE B 293 0.82 33.35 -11.36
CA PHE B 293 1.12 34.09 -10.15
C PHE B 293 2.53 33.73 -9.69
N ARG B 294 3.33 34.78 -9.42
CA ARG B 294 4.60 34.65 -8.74
C ARG B 294 4.45 35.25 -7.35
N VAL B 295 4.70 34.43 -6.33
CA VAL B 295 4.43 34.77 -4.94
C VAL B 295 5.72 34.66 -4.12
N HIS B 296 6.11 35.74 -3.43
N HIS B 296 6.07 35.74 -3.41
CA HIS B 296 7.17 35.67 -2.44
CA HIS B 296 7.15 35.72 -2.44
C HIS B 296 6.58 35.93 -1.05
C HIS B 296 6.56 35.93 -1.05
N ILE B 297 6.89 35.03 -0.11
CA ILE B 297 6.38 35.12 1.26
C ILE B 297 7.53 35.14 2.25
N ASP B 298 7.52 36.17 3.11
CA ASP B 298 8.23 36.17 4.38
C ASP B 298 7.21 35.95 5.49
N TRP B 299 7.28 34.79 6.14
CA TRP B 299 6.29 34.43 7.15
C TRP B 299 6.50 35.28 8.40
N THR B 300 5.39 35.71 9.02
CA THR B 300 5.42 36.20 10.39
C THR B 300 6.06 35.12 11.27
N THR B 301 6.84 35.55 12.26
CA THR B 301 7.52 34.69 13.20
C THR B 301 6.92 34.93 14.58
N TYR B 302 6.76 33.85 15.37
CA TYR B 302 6.02 33.89 16.63
C TYR B 302 6.87 33.31 17.76
N GLY B 303 6.50 33.64 19.00
CA GLY B 303 7.27 33.25 20.18
C GLY B 303 6.69 32.05 20.93
N LYS B 304 5.99 31.16 20.21
CA LYS B 304 5.50 29.90 20.75
C LYS B 304 4.71 30.13 22.04
N GLU B 305 5.18 29.57 23.16
CA GLU B 305 4.47 29.60 24.44
C GLU B 305 4.23 31.04 24.91
N ALA B 306 5.06 31.96 24.42
CA ALA B 306 4.98 33.37 24.80
C ALA B 306 3.88 34.09 24.00
N GLU B 307 3.54 33.54 22.82
CA GLU B 307 2.38 33.96 22.03
C GLU B 307 2.54 35.37 21.45
N ASN B 308 3.76 35.85 21.29
CA ASN B 308 3.95 37.18 20.72
C ASN B 308 4.37 37.04 19.26
N ILE B 309 4.24 38.14 18.51
CA ILE B 309 4.81 38.23 17.18
C ILE B 309 6.24 38.76 17.32
N VAL B 310 7.20 37.99 16.82
CA VAL B 310 8.61 38.36 16.90
C VAL B 310 8.91 39.37 15.81
N LYS B 311 8.66 38.94 14.57
CA LYS B 311 8.91 39.76 13.38
C LYS B 311 7.71 39.63 12.47
N PRO B 312 7.30 40.75 11.81
CA PRO B 312 6.18 40.71 10.87
C PRO B 312 6.59 39.97 9.61
N GLY B 313 5.59 39.67 8.77
CA GLY B 313 5.83 39.01 7.51
C GLY B 313 5.80 40.01 6.36
N LYS B 314 5.88 39.47 5.14
CA LYS B 314 5.83 40.25 3.93
C LYS B 314 5.23 39.40 2.82
N LEU B 315 4.47 40.06 1.93
CA LEU B 315 3.87 39.39 0.80
C LEU B 315 4.11 40.20 -0.47
N ASP B 316 4.58 39.50 -1.51
CA ASP B 316 4.70 40.07 -2.83
C ASP B 316 4.07 39.12 -3.85
N VAL B 317 3.22 39.67 -4.72
CA VAL B 317 2.55 38.88 -5.74
C VAL B 317 2.60 39.64 -7.08
N GLN B 318 3.07 38.95 -8.12
CA GLN B 318 3.00 39.42 -9.49
C GLN B 318 2.03 38.53 -10.26
N MET B 319 1.24 39.13 -11.16
CA MET B 319 0.24 38.43 -11.94
C MET B 319 0.48 38.71 -13.42
N GLU B 320 0.57 37.64 -14.23
CA GLU B 320 0.84 37.74 -15.65
C GLU B 320 -0.16 36.93 -16.46
N TYR B 321 -0.54 37.45 -17.64
CA TYR B 321 -1.42 36.74 -18.56
C TYR B 321 -1.42 37.44 -19.92
N THR B 322 -2.04 36.79 -20.91
CA THR B 322 -2.23 37.36 -22.24
C THR B 322 -3.72 37.40 -22.57
N ASP B 323 -4.22 38.60 -22.94
CA ASP B 323 -5.64 38.83 -23.16
C ASP B 323 -5.98 38.88 -24.65
N LYS B 324 -5.05 38.39 -25.48
CA LYS B 324 -5.22 38.17 -26.92
C LYS B 324 -5.14 39.47 -27.72
N LYS B 325 -4.76 40.57 -27.07
CA LYS B 325 -4.18 41.72 -27.72
C LYS B 325 -2.72 41.85 -27.29
N LYS B 326 -2.45 41.51 -26.02
CA LYS B 326 -1.31 42.04 -25.31
C LYS B 326 -1.05 41.21 -24.06
N THR B 327 0.24 41.09 -23.68
CA THR B 327 0.62 40.53 -22.41
C THR B 327 0.47 41.59 -21.32
N VAL B 328 -0.08 41.19 -20.18
CA VAL B 328 -0.29 42.05 -19.03
C VAL B 328 0.55 41.52 -17.88
N LYS B 329 1.22 42.44 -17.17
CA LYS B 329 1.90 42.13 -15.92
C LYS B 329 1.51 43.17 -14.88
N GLU B 330 0.98 42.71 -13.75
CA GLU B 330 0.55 43.60 -12.69
C GLU B 330 1.13 43.15 -11.36
N HIS B 331 1.70 44.11 -10.63
CA HIS B 331 2.26 43.92 -9.31
C HIS B 331 1.13 44.10 -8.30
N ILE B 332 0.24 43.11 -8.25
CA ILE B 332 -1.04 43.23 -7.55
C ILE B 332 -0.84 43.27 -6.03
N VAL B 333 0.21 42.62 -5.52
CA VAL B 333 0.62 42.80 -4.14
C VAL B 333 2.08 43.23 -4.14
N ASN B 334 2.30 44.51 -3.87
CA ASN B 334 3.59 45.17 -4.03
C ASN B 334 4.32 45.18 -2.67
N ASN B 335 5.04 44.10 -2.38
CA ASN B 335 5.93 44.00 -1.23
C ASN B 335 5.29 44.60 0.02
N GLU B 336 4.17 44.01 0.45
CA GLU B 336 3.41 44.52 1.58
C GLU B 336 3.86 43.84 2.86
N VAL B 337 4.18 44.65 3.87
CA VAL B 337 4.30 44.18 5.23
C VAL B 337 2.92 43.72 5.67
N ILE B 338 2.85 42.49 6.19
CA ILE B 338 1.59 41.83 6.46
C ILE B 338 1.82 40.79 7.53
N GLN B 339 0.78 40.47 8.31
CA GLN B 339 0.84 39.36 9.23
C GLN B 339 0.34 38.12 8.51
N ILE B 340 1.14 37.06 8.55
CA ILE B 340 0.85 35.88 7.75
C ILE B 340 1.57 34.68 8.37
N GLY B 341 0.77 33.74 8.89
CA GLY B 341 1.30 32.50 9.41
C GLY B 341 0.50 32.01 10.61
N ARG B 342 1.11 31.06 11.33
CA ARG B 342 0.54 30.49 12.53
C ARG B 342 1.64 30.20 13.55
N ASN B 343 1.27 30.32 14.83
CA ASN B 343 2.18 30.05 15.93
C ASN B 343 2.19 28.55 16.21
N ASP B 344 2.98 27.81 15.41
CA ASP B 344 3.14 26.37 15.52
C ASP B 344 4.63 26.05 15.45
N ASP B 345 4.99 24.80 15.80
CA ASP B 345 6.36 24.33 15.67
C ASP B 345 6.69 24.16 14.19
N ASP B 346 5.79 23.55 13.43
CA ASP B 346 6.03 23.27 12.02
C ASP B 346 5.45 24.39 11.16
N GLY B 347 5.86 24.38 9.89
CA GLY B 347 5.61 25.46 8.96
C GLY B 347 4.41 25.16 8.06
N TYR B 348 4.61 25.34 6.74
CA TYR B 348 3.50 25.54 5.83
C TYR B 348 3.70 24.75 4.53
N TYR B 349 2.57 24.32 3.96
CA TYR B 349 2.61 23.54 2.72
C TYR B 349 1.55 24.09 1.77
N PHE B 350 1.82 23.91 0.47
CA PHE B 350 0.97 24.42 -0.59
C PHE B 350 -0.03 23.36 -1.04
N LYS B 351 -1.24 23.81 -1.34
CA LYS B 351 -2.23 23.03 -2.07
C LYS B 351 -2.86 23.91 -3.14
N PHE B 352 -3.33 23.29 -4.24
CA PHE B 352 -4.21 23.97 -5.16
C PHE B 352 -5.29 23.00 -5.60
N GLY B 353 -6.35 23.55 -6.18
CA GLY B 353 -7.51 22.78 -6.61
C GLY B 353 -8.79 23.50 -6.21
N ILE B 354 -9.75 22.76 -5.65
CA ILE B 354 -11.02 23.34 -5.22
C ILE B 354 -11.21 23.06 -3.75
N TYR B 355 -11.40 24.15 -3.00
CA TYR B 355 -11.91 24.08 -1.65
C TYR B 355 -13.09 25.05 -1.59
N ARG B 356 -14.30 24.46 -1.62
CA ARG B 356 -15.53 25.22 -1.77
C ARG B 356 -16.09 25.49 -0.39
N VAL B 357 -16.08 26.77 -0.01
CA VAL B 357 -16.32 27.21 1.36
C VAL B 357 -17.48 28.20 1.33
N GLY B 358 -17.83 28.74 2.51
CA GLY B 358 -18.93 29.69 2.62
C GLY B 358 -20.28 29.03 2.36
N ASN B 359 -20.39 27.74 2.71
CA ASN B 359 -21.63 26.98 2.60
C ASN B 359 -22.21 27.12 1.18
N SER B 360 -21.39 26.74 0.18
CA SER B 360 -21.73 26.92 -1.22
C SER B 360 -21.78 25.56 -1.91
N THR B 361 -22.76 25.42 -2.83
CA THR B 361 -22.85 24.27 -3.72
C THR B 361 -22.89 24.74 -5.17
N VAL B 362 -22.51 26.00 -5.44
CA VAL B 362 -22.39 26.50 -6.80
C VAL B 362 -21.28 25.68 -7.47
N PRO B 363 -21.53 25.06 -8.64
CA PRO B 363 -20.49 24.25 -9.30
C PRO B 363 -19.19 25.03 -9.53
N VAL B 364 -18.08 24.31 -9.46
CA VAL B 364 -16.75 24.88 -9.69
C VAL B 364 -15.97 23.97 -10.64
N CYS B 365 -15.41 24.56 -11.70
CA CYS B 365 -14.52 23.85 -12.61
C CYS B 365 -13.49 24.81 -13.19
N TYR B 366 -12.20 24.47 -13.02
CA TYR B 366 -11.11 25.21 -13.63
C TYR B 366 -9.88 24.31 -13.63
N ASN B 367 -8.77 24.83 -14.21
CA ASN B 367 -7.56 24.06 -14.38
C ASN B 367 -6.42 24.78 -13.65
N LEU B 368 -5.47 23.98 -13.15
CA LEU B 368 -4.26 24.49 -12.51
C LEU B 368 -3.05 23.78 -13.10
N ALA B 369 -1.92 24.50 -13.15
CA ALA B 369 -0.68 23.93 -13.67
C ALA B 369 0.54 24.80 -13.30
N GLY B 370 1.72 24.26 -13.64
CA GLY B 370 2.96 25.00 -13.68
C GLY B 370 3.47 25.40 -12.31
N TYR B 371 3.30 24.52 -11.32
CA TYR B 371 3.69 24.81 -9.96
C TYR B 371 5.21 24.65 -9.79
N LYS B 372 5.82 25.59 -9.07
CA LYS B 372 7.20 25.46 -8.64
C LYS B 372 7.35 26.22 -7.32
N GLU B 373 8.19 25.71 -6.42
CA GLU B 373 8.54 26.44 -5.21
C GLU B 373 10.07 26.49 -5.11
N GLU B 374 10.58 27.59 -4.56
CA GLU B 374 12.01 27.82 -4.43
C GLU B 374 12.64 27.84 -5.83
N2 SUS C . -11.90 25.43 8.96
C1 SUS C . -10.40 26.49 7.29
O1 SUS C . -10.36 25.28 6.57
S1 SUS C . -11.79 25.51 10.58
C2 SUS C . -11.67 26.62 8.12
S2 SUS C . -10.18 31.58 4.88
C3 SUS C . -12.87 26.92 7.22
O3 SUS C . -14.06 27.07 8.07
S3 SUS C . -15.33 26.17 7.71
C4 SUS C . -12.57 28.20 6.45
O4 SUS C . -13.66 28.65 5.66
C5 SUS C . -11.37 27.89 5.57
O5 SUS C . -10.24 27.61 6.42
C6 SUS C . -10.94 29.05 4.69
O6 SUS C . -10.39 30.12 5.52
O1S SUS C . -10.50 26.11 10.91
O2S SUS C . -12.91 26.30 11.10
O3S SUS C . -11.86 24.10 10.94
O4S SUS C . -11.50 32.02 4.52
O5S SUS C . -9.28 31.39 3.76
O6S SUS C . -9.55 32.36 5.91
O7S SUS C . -16.40 26.88 8.39
O8S SUS C . -15.44 26.20 6.25
O9S SUS C . -15.08 24.82 8.24
HN21 SUS C . -11.62 24.66 8.64
H1 SUS C . -9.64 26.46 7.90
H2 SUS C . -11.57 27.41 8.74
H3 SUS C . -12.98 26.16 6.58
H4 SUS C . -12.32 28.89 7.10
H5 SUS C . -11.56 27.10 5.00
H61 SUS C . -11.70 29.39 4.18
H62 SUS C . -10.26 28.76 4.05
C1 GCD C . -13.89 30.04 5.86
C2 GCD C . -14.65 30.60 4.67
C3 GCD C . -15.39 31.89 5.01
C4 GCD C . -15.92 31.93 6.41
C5 GCD C . -15.48 31.11 7.36
C6 GCD C . -15.98 31.10 8.79
O2 GCD C . -13.72 30.89 3.60
O3 GCD C . -16.49 32.02 4.11
O5 GCD C . -14.50 30.16 7.18
O6A GCD C . -15.68 32.13 9.43
O6B GCD C . -16.57 30.09 9.20
H1 GCD C . -13.03 30.50 5.93
H2 GCD C . -15.31 29.92 4.35
H3 GCD C . -14.80 32.66 4.86
H4 GCD C . -16.60 32.55 6.62
N2 SUS D . 9.71 -17.38 -7.91
C1 SUS D . 7.89 -17.64 -6.17
O1 SUS D . 8.53 -18.78 -5.63
S1 SUS D . 9.51 -17.12 -9.51
C2 SUS D . 8.88 -16.72 -6.87
S2 SUS D . 5.36 -13.98 -2.77
C3 SUS D . 9.79 -16.08 -5.82
O3 SUS D . 10.74 -15.17 -6.49
S3 SUS D . 12.30 -15.54 -6.35
C4 SUS D . 8.91 -15.33 -4.82
O4 SUS D . 9.67 -14.57 -3.88
C5 SUS D . 8.06 -16.40 -4.13
O5 SUS D . 7.19 -16.99 -5.11
C6 SUS D . 7.17 -15.84 -3.04
O6 SUS D . 6.22 -14.97 -3.68
O1S SUS D . 8.15 -17.48 -9.89
O2S SUS D . 9.77 -15.71 -9.74
O3S SUS D . 10.50 -18.01 -10.11
O4S SUS D . 4.33 -13.48 -3.64
O5S SUS D . 6.33 -13.00 -2.35
O6S SUS D . 4.88 -14.85 -1.73
O7S SUS D . 12.51 -16.76 -7.12
O8S SUS D . 12.98 -14.38 -6.90
O9S SUS D . 12.50 -15.71 -4.92
HN21 SUS D . 9.95 -18.20 -7.74
H1 SUS D . 7.24 -17.97 -6.83
H2 SUS D . 8.35 -15.99 -7.31
H3 SUS D . 10.28 -16.80 -5.34
H4 SUS D . 8.30 -14.72 -5.32
H5 SUS D . 8.66 -17.10 -3.75
H61 SUS D . 7.70 -15.35 -2.39
H62 SUS D . 6.71 -16.57 -2.57
C1 GCD D . 9.27 -13.23 -3.83
C2 GCD D . 9.83 -12.59 -2.57
C3 GCD D . 9.78 -11.06 -2.63
C4 GCD D . 10.12 -10.53 -3.99
C5 GCD D . 10.02 -11.28 -5.08
C6 GCD D . 10.35 -10.83 -6.49
O2 GCD D . 9.05 -13.01 -1.44
O3 GCD D . 10.70 -10.57 -1.67
O5 GCD D . 9.63 -12.61 -5.09
O6A GCD D . 9.51 -10.06 -7.02
O6B GCD D . 11.39 -11.30 -6.99
H1 GCD D . 8.28 -13.19 -3.79
H2 GCD D . 10.77 -12.89 -2.45
H3 GCD D . 8.89 -10.75 -2.37
H4 GCD D . 10.40 -9.63 -4.08
C ACT E . 7.47 -27.64 -4.49
O ACT E . 6.37 -27.24 -4.92
OXT ACT E . 8.23 -26.96 -3.82
CH3 ACT E . 7.90 -29.06 -4.80
H1 ACT E . 7.22 -29.51 -5.31
H2 ACT E . 8.04 -29.54 -3.96
H3 ACT E . 8.74 -29.05 -5.30
C ACT F . 17.41 -23.63 -8.83
O ACT F . 18.47 -24.22 -8.59
OXT ACT F . 17.06 -22.56 -8.26
CH3 ACT F . 16.48 -24.24 -9.88
H1 ACT F . 16.87 -25.05 -10.25
H2 ACT F . 16.36 -23.59 -10.62
H3 ACT F . 15.62 -24.44 -9.49
C ACT G . 24.29 -33.38 7.65
O ACT G . 24.06 -32.50 8.52
OXT ACT G . 23.81 -33.34 6.51
CH3 ACT G . 25.20 -34.55 8.01
H1 ACT G . 25.50 -34.46 8.93
H2 ACT G . 25.97 -34.56 7.42
H3 ACT G . 24.71 -35.38 7.92
C ACT H . 6.78 -42.39 9.20
O ACT H . 6.07 -43.25 8.66
OXT ACT H . 6.85 -41.22 8.81
CH3 ACT H . 7.62 -42.79 10.41
H1 ACT H . 7.50 -43.72 10.60
H2 ACT H . 7.39 -42.25 11.17
H3 ACT H . 8.58 -42.64 10.21
S SO4 I . 16.15 -40.00 -0.83
O1 SO4 I . 15.52 -41.24 -0.50
O2 SO4 I . 15.21 -38.92 -0.60
O3 SO4 I . 17.30 -39.82 0.02
O4 SO4 I . 16.55 -40.00 -2.21
S SO4 J . 1.08 -8.43 -22.44
O1 SO4 J . 1.66 -8.96 -21.24
O2 SO4 J . 0.37 -7.21 -22.12
O3 SO4 J . 2.14 -8.15 -23.38
O4 SO4 J . 0.16 -9.37 -23.01
S SO4 K . 7.02 -24.64 -10.57
O1 SO4 K . 6.85 -26.05 -10.30
O2 SO4 K . 6.14 -23.88 -9.72
O3 SO4 K . 8.39 -24.28 -10.30
O4 SO4 K . 6.69 -24.38 -11.94
S SO4 L . 7.77 -47.82 -3.75
O1 SO4 L . 8.89 -48.35 -3.01
O2 SO4 L . 7.02 -46.94 -2.89
O3 SO4 L . 8.26 -47.09 -4.88
O4 SO4 L . 6.92 -48.89 -4.19
S SO4 M . 13.08 -22.76 -7.76
O1 SO4 M . 12.19 -22.69 -6.63
O2 SO4 M . 12.31 -22.71 -8.98
O3 SO4 M . 14.00 -21.67 -7.71
O4 SO4 M . 13.83 -24.00 -7.72
S SO4 N . 9.96 -26.88 -12.16
O1 SO4 N . 10.67 -28.11 -11.94
O2 SO4 N . 10.47 -25.87 -11.27
O3 SO4 N . 10.14 -26.46 -13.52
O4 SO4 N . 8.56 -27.08 -11.90
S SO4 O . 27.02 -11.67 5.34
O1 SO4 O . 26.75 -10.78 6.45
O2 SO4 O . 27.76 -10.96 4.33
O3 SO4 O . 27.81 -12.78 5.82
O4 SO4 O . 25.78 -12.16 4.79
CA CA P . -1.48 -20.35 -16.61
C ACT Q . -5.22 18.63 3.51
O ACT Q . -4.50 19.51 4.00
OXT ACT Q . -6.25 18.85 2.86
CH3 ACT Q . -4.76 17.21 3.65
H1 ACT Q . -3.91 17.18 4.12
H2 ACT Q . -4.64 16.82 2.76
H3 ACT Q . -5.42 16.69 4.13
C ACT R . -18.11 9.00 14.65
O ACT R . -18.72 10.09 14.60
OXT ACT R . -17.09 8.83 15.32
CH3 ACT R . -18.68 7.80 13.85
H1 ACT R . -19.49 8.06 13.39
H2 ACT R . -18.87 7.07 14.46
H3 ACT R . -18.01 7.49 13.20
S SO4 S . -6.97 4.87 -2.95
O1 SO4 S . -6.79 4.10 -1.75
O2 SO4 S . -7.20 6.26 -2.62
O3 SO4 S . -5.77 4.78 -3.73
O4 SO4 S . -8.09 4.38 -3.68
S SO4 T . -18.31 10.31 -11.57
O1 SO4 T . -17.64 9.67 -10.45
O2 SO4 T . -19.49 10.98 -11.10
O3 SO4 T . -17.42 11.28 -12.17
O4 SO4 T . -18.67 9.32 -12.54
S SO4 U . -8.34 34.04 25.32
O1 SO4 U . -9.08 33.28 26.26
O2 SO4 U . -8.97 35.32 25.10
O3 SO4 U . -7.00 34.26 25.82
O4 SO4 U . -8.26 33.32 24.07
S SO4 V . 2.22 41.07 19.60
O1 SO4 V . 1.84 42.16 20.46
O2 SO4 V . 2.96 41.61 18.47
O3 SO4 V . 3.06 40.15 20.32
O4 SO4 V . 1.06 40.39 19.15
S SO4 W . -16.08 15.73 7.94
O1 SO4 W . -17.38 15.60 7.36
O2 SO4 W . -15.59 17.06 7.70
O3 SO4 W . -16.17 15.50 9.37
O4 SO4 W . -15.19 14.76 7.35
S SO4 X . -1.16 39.14 25.19
O1 SO4 X . -1.77 39.05 26.49
O2 SO4 X . -1.97 39.97 24.34
O3 SO4 X . 0.15 39.74 25.32
O4 SO4 X . -1.04 37.84 24.62
S SO4 Y . -5.82 19.96 10.14
O1 SO4 Y . -7.18 19.51 9.89
O2 SO4 Y . -5.63 21.27 9.58
O3 SO4 Y . -5.59 20.03 11.57
O4 SO4 Y . -4.88 19.03 9.55
S SO4 Z . -8.28 23.01 4.71
O1 SO4 Z . -7.70 22.54 5.94
O2 SO4 Z . -7.71 22.28 3.61
O3 SO4 Z . -9.70 22.77 4.77
O4 SO4 Z . -8.02 24.41 4.52
CA CA AA . -0.30 26.47 17.43
#